data_1WNW
#
_entry.id   1WNW
#
_cell.length_a   54.059
_cell.length_b   63.101
_cell.length_c   107.164
_cell.angle_alpha   90.00
_cell.angle_beta   101.03
_cell.angle_gamma   90.00
#
_symmetry.space_group_name_H-M   'P 1 21 1'
#
loop_
_entity.id
_entity.type
_entity.pdbx_description
1 polymer 'Heme oxygenase'
2 non-polymer 'IODIDE ION'
3 non-polymer 'SULFATE ION'
4 non-polymer 'PROTOPORPHYRIN IX CONTAINING FE'
5 non-polymer 'SODIUM ION'
6 water water
#
_entity_poly.entity_id   1
_entity_poly.type   'polypeptide(L)'
_entity_poly.pdbx_seq_one_letter_code
;MTTATAGLAVELKQSTAQAHEKAEHSTFMSDLLKGRLGVAEFTRLQEQAWLFYTALEQAVDAVRASGFAESLLDPALNRA
EVLARDLDKLNGSSEWRSRITASPAVIDYVNRLEEIRDNVDGPALVAHHYVRYLGNLSGGQVIARMMQRHYGVDPEALGF
YHFEGIAKLKVYKDEYREKLNNLELSDEQREHLLKEATDAFVFNHQVFADLGKGL
;
_entity_poly.pdbx_strand_id   A,B,C
#
loop_
_chem_comp.id
_chem_comp.type
_chem_comp.name
_chem_comp.formula
HEM non-polymer 'PROTOPORPHYRIN IX CONTAINING FE' 'C34 H32 Fe N4 O4'
IOD non-polymer 'IODIDE ION' 'I -1'
NA non-polymer 'SODIUM ION' 'Na 1'
SO4 non-polymer 'SULFATE ION' 'O4 S -2'
#
# COMPACT_ATOMS: atom_id res chain seq x y z
N ALA A 6 26.01 7.30 -11.85
CA ALA A 6 26.68 7.52 -10.52
C ALA A 6 26.02 6.76 -9.33
N GLY A 7 26.75 5.72 -8.89
CA GLY A 7 26.34 4.59 -8.12
C GLY A 7 25.62 4.80 -6.77
N LEU A 8 25.38 3.69 -6.10
CA LEU A 8 24.48 3.69 -4.91
C LEU A 8 24.97 4.58 -3.76
N ALA A 9 26.23 4.50 -3.45
CA ALA A 9 26.81 5.28 -2.36
C ALA A 9 26.58 6.76 -2.58
N VAL A 10 26.85 7.21 -3.81
CA VAL A 10 26.59 8.60 -4.15
C VAL A 10 25.13 8.94 -4.11
N GLU A 11 24.28 8.02 -4.55
CA GLU A 11 22.86 8.33 -4.62
C GLU A 11 22.30 8.37 -3.19
N LEU A 12 22.77 7.47 -2.32
CA LEU A 12 22.42 7.56 -0.88
C LEU A 12 22.78 8.90 -0.26
N LYS A 13 24.03 9.32 -0.45
CA LYS A 13 24.48 10.60 0.09
C LYS A 13 23.58 11.74 -0.45
N GLN A 14 23.41 11.83 -1.76
CA GLN A 14 22.65 12.90 -2.39
C GLN A 14 21.25 12.91 -1.92
N SER A 15 20.68 11.72 -1.84
CA SER A 15 19.32 11.51 -1.53
C SER A 15 18.95 11.91 -0.09
N THR A 16 19.92 11.84 0.80
CA THR A 16 19.67 12.09 2.20
C THR A 16 20.39 13.33 2.66
N ALA A 17 21.05 14.08 1.73
CA ALA A 17 21.83 15.19 2.14
C ALA A 17 21.01 16.25 2.89
N GLN A 18 19.83 16.52 2.38
CA GLN A 18 18.98 17.49 3.03
C GLN A 18 18.57 17.05 4.46
N ALA A 19 18.22 15.78 4.58
CA ALA A 19 17.84 15.25 5.92
C ALA A 19 19.04 15.26 6.87
N HIS A 20 20.24 15.01 6.35
CA HIS A 20 21.46 15.04 7.19
C HIS A 20 21.68 16.42 7.71
N GLU A 21 21.44 17.39 6.87
CA GLU A 21 21.65 18.78 7.29
C GLU A 21 20.58 19.16 8.32
N LYS A 22 19.35 18.63 8.19
CA LYS A 22 18.29 18.91 9.16
C LYS A 22 18.66 18.28 10.49
N ALA A 23 19.31 17.13 10.42
CA ALA A 23 19.71 16.36 11.62
C ALA A 23 20.75 17.15 12.45
N GLU A 24 21.61 17.86 11.79
CA GLU A 24 22.61 18.63 12.51
C GLU A 24 21.93 19.74 13.32
N HIS A 25 20.73 20.14 12.90
CA HIS A 25 20.03 21.29 13.45
C HIS A 25 18.79 20.98 14.29
N SER A 26 18.59 19.76 14.77
CA SER A 26 17.43 19.56 15.67
C SER A 26 17.68 20.38 16.96
N THR A 27 16.66 20.82 17.66
CA THR A 27 16.89 21.63 18.87
C THR A 27 17.70 20.84 19.91
N PHE A 28 17.35 19.59 20.12
CA PHE A 28 18.11 18.73 21.04
C PHE A 28 19.60 18.58 20.66
N MET A 29 19.88 18.18 19.43
CA MET A 29 21.25 17.89 19.02
C MET A 29 22.01 19.17 18.94
N SER A 30 21.37 20.21 18.41
CA SER A 30 22.03 21.53 18.30
C SER A 30 22.47 22.01 19.71
N ASP A 31 21.49 21.99 20.63
CA ASP A 31 21.73 22.32 22.01
C ASP A 31 22.79 21.46 22.66
N LEU A 32 22.79 20.15 22.41
CA LEU A 32 23.78 19.26 22.97
C LEU A 32 25.18 19.62 22.51
N LEU A 33 25.37 19.76 21.19
CA LEU A 33 26.67 19.94 20.60
C LEU A 33 27.28 21.31 20.94
N LYS A 34 26.44 22.31 21.16
CA LYS A 34 26.91 23.62 21.47
C LYS A 34 27.19 23.86 22.95
N GLY A 35 26.97 22.85 23.79
CA GLY A 35 27.26 22.96 25.20
C GLY A 35 26.13 23.40 26.12
N ARG A 36 24.92 23.57 25.56
CA ARG A 36 23.78 24.07 26.29
C ARG A 36 23.08 23.04 27.20
N LEU A 37 23.36 21.77 27.01
CA LEU A 37 22.80 20.68 27.79
C LEU A 37 23.82 20.16 28.80
N GLY A 38 24.07 18.85 28.84
CA GLY A 38 24.92 18.24 29.86
C GLY A 38 25.05 16.78 29.69
N VAL A 39 25.85 16.18 30.56
CA VAL A 39 26.08 14.74 30.51
C VAL A 39 24.80 13.97 30.73
N ALA A 40 23.86 14.51 31.52
CA ALA A 40 22.59 13.82 31.75
C ALA A 40 21.82 13.68 30.41
N GLU A 41 21.75 14.73 29.64
CA GLU A 41 21.05 14.67 28.36
C GLU A 41 21.74 13.72 27.36
N PHE A 42 23.08 13.80 27.30
CA PHE A 42 23.88 12.81 26.53
C PHE A 42 23.58 11.35 26.89
N THR A 43 23.45 11.10 28.21
CA THR A 43 23.14 9.78 28.72
C THR A 43 21.74 9.36 28.29
N ARG A 44 20.77 10.30 28.29
CA ARG A 44 19.41 9.97 27.84
C ARG A 44 19.45 9.57 26.35
N LEU A 45 20.27 10.26 25.57
CA LEU A 45 20.39 9.91 24.16
C LEU A 45 20.96 8.54 24.00
N GLN A 46 22.04 8.23 24.74
CA GLN A 46 22.70 6.95 24.59
C GLN A 46 21.78 5.80 25.06
N GLU A 47 20.90 6.05 26.03
CA GLU A 47 19.92 5.06 26.44
C GLU A 47 18.93 4.71 25.34
N GLN A 48 18.38 5.72 24.68
CA GLN A 48 17.53 5.48 23.52
C GLN A 48 18.32 4.80 22.43
N ALA A 49 19.55 5.25 22.15
CA ALA A 49 20.36 4.62 21.14
C ALA A 49 20.66 3.13 21.43
N TRP A 50 20.88 2.75 22.70
CA TRP A 50 21.05 1.35 23.05
C TRP A 50 19.78 0.55 22.65
N LEU A 51 18.60 1.12 22.89
CA LEU A 51 17.38 0.48 22.46
C LEU A 51 17.27 0.24 20.95
N PHE A 52 17.51 1.24 20.15
CA PHE A 52 17.41 1.08 18.72
C PHE A 52 18.59 0.36 18.08
N TYR A 53 19.80 0.48 18.62
CA TYR A 53 20.93 -0.35 18.13
C TYR A 53 20.81 -1.81 18.45
N THR A 54 20.19 -2.09 19.59
CA THR A 54 19.86 -3.50 19.93
C THR A 54 18.94 -4.08 18.86
N ALA A 55 17.87 -3.40 18.59
CA ALA A 55 16.93 -3.82 17.55
C ALA A 55 17.55 -3.88 16.18
N LEU A 56 18.31 -2.85 15.80
CA LEU A 56 19.00 -2.80 14.54
C LEU A 56 19.90 -4.02 14.38
N GLU A 57 20.62 -4.39 15.44
CA GLU A 57 21.59 -5.44 15.29
C GLU A 57 20.96 -6.84 15.21
N GLN A 58 19.73 -6.99 15.68
CA GLN A 58 18.98 -8.25 15.46
C GLN A 58 18.60 -8.36 13.98
N ALA A 59 18.26 -7.21 13.38
CA ALA A 59 17.85 -7.20 11.97
C ALA A 59 19.08 -7.42 11.14
N VAL A 60 20.22 -6.82 11.51
CA VAL A 60 21.47 -7.07 10.78
C VAL A 60 21.82 -8.57 10.83
N ASP A 61 21.76 -9.18 12.01
CA ASP A 61 22.08 -10.59 12.19
C ASP A 61 21.21 -11.45 11.27
N ALA A 62 19.93 -11.14 11.20
CA ALA A 62 19.02 -11.93 10.38
C ALA A 62 19.38 -11.80 8.91
N VAL A 63 19.57 -10.56 8.44
CA VAL A 63 19.95 -10.33 7.04
C VAL A 63 21.29 -10.95 6.62
N ARG A 64 22.30 -10.77 7.46
CA ARG A 64 23.60 -11.39 7.25
C ARG A 64 23.43 -12.89 7.17
N ALA A 65 22.66 -13.46 8.07
CA ALA A 65 22.48 -14.91 8.04
C ALA A 65 21.82 -15.37 6.70
N SER A 66 21.00 -14.53 6.11
CA SER A 66 20.34 -14.87 4.84
C SER A 66 21.20 -14.91 3.61
N GLY A 67 22.37 -14.32 3.77
CA GLY A 67 23.41 -14.21 2.77
C GLY A 67 23.35 -12.95 1.94
N PHE A 68 22.56 -11.98 2.33
CA PHE A 68 22.51 -10.69 1.65
C PHE A 68 23.51 -9.69 2.23
N ALA A 69 24.30 -9.08 1.36
CA ALA A 69 25.21 -7.98 1.75
C ALA A 69 26.20 -8.39 2.88
N GLU A 70 26.56 -9.65 2.87
CA GLU A 70 27.38 -10.20 3.97
C GLU A 70 28.61 -9.37 4.28
N SER A 71 29.41 -9.02 3.27
CA SER A 71 30.66 -8.36 3.54
C SER A 71 30.45 -6.96 4.09
N LEU A 72 29.36 -6.30 3.69
CA LEU A 72 28.94 -5.02 4.25
C LEU A 72 28.63 -5.13 5.73
N LEU A 73 27.93 -6.19 6.11
CA LEU A 73 27.39 -6.36 7.45
C LEU A 73 28.45 -6.93 8.43
N ASP A 74 29.53 -6.20 8.63
CA ASP A 74 30.65 -6.57 9.45
C ASP A 74 30.27 -6.54 10.90
N PRO A 75 30.32 -7.67 11.59
CA PRO A 75 29.93 -7.69 13.00
C PRO A 75 30.82 -6.78 13.92
N ALA A 76 32.02 -6.48 13.49
CA ALA A 76 32.86 -5.47 14.18
C ALA A 76 32.21 -4.09 14.38
N LEU A 77 31.25 -3.74 13.51
CA LEU A 77 30.47 -2.54 13.68
C LEU A 77 29.48 -2.56 14.80
N ASN A 78 29.08 -3.76 15.26
CA ASN A 78 28.10 -3.86 16.39
C ASN A 78 28.41 -2.85 17.50
N ARG A 79 27.38 -2.09 17.86
CA ARG A 79 27.47 -1.02 18.88
C ARG A 79 26.75 -1.30 20.18
N ALA A 80 25.79 -2.25 20.23
CA ALA A 80 24.91 -2.32 21.39
C ALA A 80 25.70 -2.67 22.70
N GLU A 81 26.62 -3.64 22.63
CA GLU A 81 27.25 -4.07 23.85
C GLU A 81 28.23 -2.98 24.34
N VAL A 82 28.94 -2.32 23.40
CA VAL A 82 29.80 -1.15 23.64
C VAL A 82 28.98 -0.08 24.31
N LEU A 83 27.80 0.20 23.75
CA LEU A 83 26.89 1.21 24.34
C LEU A 83 26.52 0.86 25.76
N ALA A 84 26.23 -0.41 26.05
CA ALA A 84 25.86 -0.80 27.39
C ALA A 84 27.02 -0.55 28.33
N ARG A 85 28.24 -0.79 27.88
CA ARG A 85 29.41 -0.55 28.73
C ARG A 85 29.61 0.92 28.98
N ASP A 86 29.39 1.76 27.96
CA ASP A 86 29.37 3.17 28.15
C ASP A 86 28.31 3.61 29.17
N LEU A 87 27.13 3.03 29.07
CA LEU A 87 26.02 3.41 29.92
C LEU A 87 26.25 2.96 31.38
N ASP A 88 26.93 1.86 31.56
CA ASP A 88 27.34 1.43 32.93
C ASP A 88 28.27 2.48 33.55
N LYS A 89 29.17 3.04 32.74
CA LYS A 89 30.02 4.15 33.22
C LYS A 89 29.28 5.45 33.42
N LEU A 90 28.47 5.89 32.44
CA LEU A 90 27.72 7.16 32.57
C LEU A 90 26.74 7.21 33.77
N ASN A 91 26.06 6.09 34.03
CA ASN A 91 25.02 6.02 35.07
C ASN A 91 25.55 5.52 36.38
N GLY A 92 26.77 4.96 36.38
CA GLY A 92 27.44 4.51 37.60
C GLY A 92 27.06 3.14 38.09
N SER A 93 26.27 2.41 37.30
CA SER A 93 25.71 1.13 37.66
C SER A 93 24.90 0.54 36.50
N SER A 94 24.57 -0.74 36.58
CA SER A 94 23.71 -1.36 35.60
C SER A 94 22.20 -1.12 35.80
N GLU A 95 21.80 -0.21 36.68
CA GLU A 95 20.37 -0.01 37.05
C GLU A 95 19.51 0.65 35.97
N TRP A 96 20.17 1.37 35.06
CA TRP A 96 19.51 1.88 33.89
C TRP A 96 18.69 0.87 33.10
N ARG A 97 19.17 -0.36 32.98
CA ARG A 97 18.48 -1.31 32.12
C ARG A 97 17.03 -1.59 32.54
N SER A 98 16.75 -1.50 33.84
CA SER A 98 15.40 -1.75 34.33
C SER A 98 14.57 -0.46 34.50
N ARG A 99 15.20 0.70 34.36
CA ARG A 99 14.49 1.98 34.47
C ARG A 99 14.14 2.54 33.07
N ILE A 100 14.96 2.24 32.08
CA ILE A 100 14.79 2.93 30.80
C ILE A 100 13.59 2.44 30.03
N THR A 101 12.99 3.38 29.33
CA THR A 101 11.76 3.19 28.59
C THR A 101 11.96 3.76 27.20
N ALA A 102 11.50 3.06 26.16
CA ALA A 102 11.54 3.66 24.81
C ALA A 102 10.55 4.84 24.69
N SER A 103 11.07 5.92 24.15
CA SER A 103 10.26 7.07 23.81
C SER A 103 9.31 6.60 22.70
N PRO A 104 8.19 7.29 22.52
CA PRO A 104 7.30 6.91 21.42
C PRO A 104 7.99 6.85 20.06
N ALA A 105 8.92 7.74 19.77
CA ALA A 105 9.68 7.76 18.55
C ALA A 105 10.52 6.48 18.43
N VAL A 106 11.09 6.04 19.52
CA VAL A 106 11.89 4.84 19.53
C VAL A 106 11.03 3.57 19.35
N ILE A 107 9.84 3.54 19.94
CA ILE A 107 8.93 2.43 19.69
C ILE A 107 8.70 2.30 18.21
N ASP A 108 8.36 3.39 17.54
CA ASP A 108 8.12 3.33 16.10
C ASP A 108 9.34 2.82 15.33
N TYR A 109 10.52 3.34 15.68
CA TYR A 109 11.72 2.92 15.00
C TYR A 109 12.08 1.48 15.28
N VAL A 110 11.99 1.03 16.51
CA VAL A 110 12.22 -0.37 16.84
C VAL A 110 11.24 -1.27 16.09
N ASN A 111 9.96 -0.88 16.02
CA ASN A 111 8.94 -1.71 15.34
C ASN A 111 9.34 -1.89 13.88
N ARG A 112 9.83 -0.84 13.24
CA ARG A 112 10.27 -0.94 11.84
C ARG A 112 11.44 -1.89 11.71
N LEU A 113 12.42 -1.74 12.60
CA LEU A 113 13.57 -2.63 12.62
C LEU A 113 13.18 -4.09 12.84
N GLU A 114 12.19 -4.34 13.68
CA GLU A 114 11.71 -5.71 13.95
C GLU A 114 10.96 -6.25 12.74
N GLU A 115 10.29 -5.37 11.98
CA GLU A 115 9.65 -5.75 10.76
C GLU A 115 10.68 -6.15 9.70
N ILE A 116 11.76 -5.38 9.61
CA ILE A 116 12.81 -5.73 8.69
C ILE A 116 13.45 -7.07 9.06
N ARG A 117 13.68 -7.23 10.34
CA ARG A 117 14.26 -8.46 10.88
C ARG A 117 13.42 -9.66 10.48
N ASP A 118 12.14 -9.57 10.77
CA ASP A 118 11.26 -10.75 10.67
C ASP A 118 10.92 -11.00 9.20
N ASN A 119 10.96 -9.96 8.36
CA ASN A 119 10.77 -10.15 6.93
C ASN A 119 12.05 -10.49 6.22
N VAL A 120 13.18 -10.41 6.96
CA VAL A 120 14.52 -10.54 6.39
C VAL A 120 14.67 -9.70 5.09
N ASP A 121 14.31 -8.44 5.22
CA ASP A 121 14.32 -7.47 4.13
C ASP A 121 15.68 -6.86 3.94
N GLY A 122 16.51 -7.47 3.12
CA GLY A 122 17.86 -7.03 2.94
C GLY A 122 18.03 -5.59 2.50
N PRO A 123 17.38 -5.18 1.43
CA PRO A 123 17.51 -3.80 0.97
C PRO A 123 17.12 -2.80 2.05
N ALA A 124 16.05 -3.05 2.76
CA ALA A 124 15.65 -2.14 3.79
C ALA A 124 16.69 -2.05 4.92
N LEU A 125 17.23 -3.21 5.28
CA LEU A 125 18.24 -3.29 6.31
C LEU A 125 19.52 -2.53 5.95
N VAL A 126 19.97 -2.69 4.71
CA VAL A 126 21.16 -1.96 4.22
C VAL A 126 20.95 -0.42 4.36
N ALA A 127 19.76 0.10 4.07
CA ALA A 127 19.46 1.50 4.24
C ALA A 127 19.71 1.96 5.67
N HIS A 128 19.15 1.22 6.62
CA HIS A 128 19.29 1.60 8.01
C HIS A 128 20.71 1.40 8.48
N HIS A 129 21.43 0.44 7.92
CA HIS A 129 22.87 0.21 8.23
C HIS A 129 23.71 1.37 7.77
N TYR A 130 23.46 1.84 6.54
CA TYR A 130 24.10 3.03 6.02
C TYR A 130 23.84 4.20 6.97
N VAL A 131 22.59 4.47 7.31
CA VAL A 131 22.31 5.72 8.04
C VAL A 131 22.94 5.69 9.42
N ARG A 132 22.97 4.51 10.07
CA ARG A 132 23.47 4.41 11.44
C ARG A 132 25.03 4.34 11.46
N TYR A 133 25.55 3.32 10.81
CA TYR A 133 26.99 3.04 10.90
C TYR A 133 27.86 3.96 10.06
N LEU A 134 27.51 4.29 8.83
CA LEU A 134 28.38 5.11 8.04
C LEU A 134 28.42 6.49 8.73
N GLY A 135 27.27 6.92 9.30
CA GLY A 135 27.18 8.18 10.01
C GLY A 135 28.22 8.22 11.14
N ASN A 136 28.22 7.16 11.95
CA ASN A 136 29.19 7.10 13.04
C ASN A 136 30.62 6.97 12.57
N LEU A 137 30.85 6.10 11.62
CA LEU A 137 32.20 5.79 11.09
C LEU A 137 32.79 6.99 10.51
N SER A 138 31.92 7.85 9.97
CA SER A 138 32.26 9.00 9.15
C SER A 138 32.38 10.30 9.94
N GLY A 139 31.43 10.59 10.87
CA GLY A 139 31.34 11.84 11.65
C GLY A 139 31.17 11.76 13.18
N GLY A 140 31.12 10.52 13.68
CA GLY A 140 30.95 10.33 15.11
C GLY A 140 32.06 10.96 15.90
N GLN A 141 33.27 10.99 15.36
CA GLN A 141 34.40 11.62 16.08
C GLN A 141 34.15 13.09 16.48
N VAL A 142 33.37 13.79 15.68
CA VAL A 142 33.04 15.17 16.00
C VAL A 142 32.16 15.21 17.21
N ILE A 143 31.14 14.35 17.28
CA ILE A 143 30.24 14.34 18.39
C ILE A 143 31.03 13.97 19.68
N ALA A 144 31.94 12.98 19.55
CA ALA A 144 32.69 12.54 20.74
C ALA A 144 33.59 13.64 21.27
N ARG A 145 34.24 14.36 20.33
CA ARG A 145 35.11 15.46 20.73
C ARG A 145 34.30 16.54 21.48
N MET A 146 33.08 16.82 21.02
CA MET A 146 32.28 17.85 21.68
C MET A 146 31.79 17.39 23.04
N MET A 147 31.50 16.11 23.20
CA MET A 147 31.13 15.61 24.53
C MET A 147 32.31 15.70 25.50
N GLN A 148 33.53 15.44 25.04
CA GLN A 148 34.72 15.62 25.87
C GLN A 148 34.96 17.09 26.26
N ARG A 149 34.92 17.93 25.25
CA ARG A 149 35.32 19.33 25.38
C ARG A 149 34.26 20.15 26.16
N HIS A 150 33.00 20.00 25.80
CA HIS A 150 31.98 20.79 26.45
C HIS A 150 31.55 20.22 27.78
N TYR A 151 31.50 18.88 27.97
CA TYR A 151 30.94 18.30 29.19
C TYR A 151 31.94 17.44 29.99
N GLY A 152 33.15 17.27 29.50
CA GLY A 152 34.15 16.50 30.24
C GLY A 152 33.86 15.03 30.32
N VAL A 153 33.13 14.46 29.35
CA VAL A 153 32.87 13.05 29.37
C VAL A 153 34.21 12.34 29.19
N ASP A 154 34.43 11.35 30.03
CA ASP A 154 35.61 10.52 29.95
C ASP A 154 35.56 9.75 28.67
N PRO A 155 36.65 9.73 27.90
CA PRO A 155 36.64 8.92 26.67
C PRO A 155 36.39 7.43 26.82
N GLU A 156 36.61 6.90 28.02
CA GLU A 156 36.25 5.52 28.29
C GLU A 156 34.75 5.29 28.21
N ALA A 157 33.95 6.33 28.37
CA ALA A 157 32.51 6.26 28.25
C ALA A 157 32.04 6.67 26.84
N LEU A 158 32.97 6.73 25.89
CA LEU A 158 32.64 7.13 24.51
C LEU A 158 33.00 5.99 23.54
N GLY A 159 33.07 4.76 24.05
CA GLY A 159 33.35 3.58 23.26
C GLY A 159 32.49 3.47 22.00
N PHE A 160 31.24 3.89 22.12
CA PHE A 160 30.30 3.89 20.99
C PHE A 160 30.94 4.52 19.78
N TYR A 161 31.74 5.58 19.95
CA TYR A 161 32.30 6.32 18.82
C TYR A 161 33.69 5.81 18.37
N HIS A 162 34.20 4.78 19.06
CA HIS A 162 35.60 4.30 18.81
C HIS A 162 35.93 3.23 17.80
N PHE A 163 35.01 2.53 17.18
CA PHE A 163 35.20 1.24 16.51
C PHE A 163 36.44 0.44 16.81
N GLU A 164 36.53 0.01 18.07
CA GLU A 164 37.54 -0.99 18.45
C GLU A 164 37.56 -2.16 17.44
N GLY A 165 38.72 -2.44 16.85
CA GLY A 165 38.91 -3.56 15.97
C GLY A 165 39.08 -3.17 14.49
N ILE A 166 38.80 -1.91 14.18
CA ILE A 166 39.02 -1.40 12.85
C ILE A 166 40.11 -0.36 13.00
N ALA A 167 41.24 -0.52 12.33
CA ALA A 167 42.34 0.49 12.48
C ALA A 167 42.07 1.70 11.66
N LYS A 168 42.09 1.51 10.34
CA LYS A 168 42.10 2.63 9.40
C LYS A 168 40.68 2.97 8.98
N LEU A 169 40.03 3.83 9.76
CA LEU A 169 38.66 4.24 9.54
C LEU A 169 38.41 4.97 8.22
N LYS A 170 39.33 5.71 7.67
CA LYS A 170 39.19 6.41 6.40
C LYS A 170 39.15 5.43 5.30
N VAL A 171 40.08 4.49 5.29
CA VAL A 171 40.02 3.38 4.34
C VAL A 171 38.77 2.52 4.51
N TYR A 172 38.37 2.25 5.75
CA TYR A 172 37.20 1.45 5.99
C TYR A 172 35.96 2.08 5.36
N LYS A 173 35.86 3.39 5.52
CA LYS A 173 34.75 4.13 4.91
C LYS A 173 34.77 3.97 3.38
N ASP A 174 35.93 4.15 2.76
CA ASP A 174 36.05 3.95 1.30
C ASP A 174 35.60 2.57 0.88
N GLU A 175 36.01 1.55 1.64
CA GLU A 175 35.64 0.17 1.34
C GLU A 175 34.17 -0.08 1.55
N TYR A 176 33.61 0.61 2.55
CA TYR A 176 32.17 0.45 2.87
C TYR A 176 31.37 0.98 1.62
N ARG A 177 31.73 2.14 1.14
CA ARG A 177 31.08 2.68 -0.08
C ARG A 177 31.24 1.79 -1.30
N GLU A 178 32.41 1.18 -1.45
CA GLU A 178 32.58 0.26 -2.58
C GLU A 178 31.70 -0.97 -2.46
N LYS A 179 31.49 -1.44 -1.23
CA LYS A 179 30.52 -2.51 -1.02
C LYS A 179 29.13 -2.09 -1.40
N LEU A 180 28.71 -0.87 -1.03
CA LEU A 180 27.39 -0.37 -1.41
C LEU A 180 27.24 -0.36 -2.96
N ASN A 181 28.27 0.16 -3.60
CA ASN A 181 28.30 0.21 -5.06
C ASN A 181 28.26 -1.15 -5.75
N ASN A 182 28.78 -2.18 -5.11
CA ASN A 182 28.84 -3.48 -5.72
C ASN A 182 27.65 -4.37 -5.41
N LEU A 183 26.70 -3.90 -4.61
CA LEU A 183 25.54 -4.74 -4.24
C LEU A 183 24.72 -4.94 -5.47
N GLU A 184 24.24 -6.16 -5.60
CA GLU A 184 23.38 -6.54 -6.73
C GLU A 184 21.93 -6.23 -6.39
N LEU A 185 21.44 -5.09 -6.86
CA LEU A 185 20.03 -4.77 -6.65
C LEU A 185 19.28 -4.57 -7.98
N SER A 186 18.00 -4.93 -7.93
CA SER A 186 17.04 -4.68 -9.01
C SER A 186 16.55 -3.24 -8.87
N ASP A 187 15.81 -2.74 -9.87
CA ASP A 187 15.34 -1.37 -9.80
C ASP A 187 14.39 -1.21 -8.58
N GLU A 188 13.58 -2.22 -8.35
CA GLU A 188 12.61 -2.16 -7.26
C GLU A 188 13.31 -2.21 -5.89
N GLN A 189 14.34 -3.03 -5.78
CA GLN A 189 15.11 -3.18 -4.52
C GLN A 189 15.85 -1.87 -4.22
N ARG A 190 16.27 -1.17 -5.27
CA ARG A 190 17.07 0.01 -5.14
C ARG A 190 16.15 1.14 -4.68
N GLU A 191 14.96 1.26 -5.25
CA GLU A 191 14.03 2.32 -4.84
C GLU A 191 13.59 2.08 -3.40
N HIS A 192 13.41 0.80 -3.02
CA HIS A 192 12.95 0.47 -1.65
C HIS A 192 14.02 0.89 -0.67
N LEU A 193 15.27 0.65 -1.05
CA LEU A 193 16.43 0.96 -0.19
C LEU A 193 16.52 2.45 -0.02
N LEU A 194 16.39 3.18 -1.11
CA LEU A 194 16.45 4.61 -1.06
C LEU A 194 15.33 5.23 -0.25
N LYS A 195 14.09 4.76 -0.43
CA LYS A 195 12.99 5.21 0.40
C LYS A 195 13.24 4.93 1.85
N GLU A 196 13.71 3.72 2.13
CA GLU A 196 14.02 3.40 3.50
C GLU A 196 15.07 4.27 4.16
N ALA A 197 16.07 4.69 3.39
CA ALA A 197 17.10 5.54 3.96
C ALA A 197 16.56 6.91 4.32
N THR A 198 15.66 7.43 3.50
CA THR A 198 14.89 8.57 3.89
C THR A 198 14.07 8.37 5.17
N ASP A 199 13.40 7.23 5.28
CA ASP A 199 12.58 6.95 6.46
C ASP A 199 13.43 6.85 7.68
N ALA A 200 14.62 6.29 7.53
CA ALA A 200 15.56 6.19 8.63
C ALA A 200 15.86 7.52 9.22
N PHE A 201 16.16 8.54 8.38
CA PHE A 201 16.39 9.85 8.88
C PHE A 201 15.13 10.44 9.52
N VAL A 202 13.96 10.09 8.98
CA VAL A 202 12.69 10.52 9.59
C VAL A 202 12.55 9.96 11.04
N PHE A 203 12.79 8.67 11.20
CA PHE A 203 12.80 8.07 12.55
C PHE A 203 13.76 8.77 13.47
N ASN A 204 15.00 9.02 13.02
CA ASN A 204 16.00 9.67 13.87
C ASN A 204 15.54 11.08 14.26
N HIS A 205 14.91 11.80 13.31
CA HIS A 205 14.48 13.13 13.62
C HIS A 205 13.45 13.07 14.76
N GLN A 206 12.55 12.11 14.72
CA GLN A 206 11.56 12.04 15.76
C GLN A 206 12.14 11.62 17.09
N VAL A 207 13.15 10.74 17.08
CA VAL A 207 13.87 10.44 18.31
C VAL A 207 14.44 11.68 18.96
N PHE A 208 15.07 12.56 18.17
CA PHE A 208 15.65 13.75 18.71
C PHE A 208 14.57 14.70 19.19
N ALA A 209 13.48 14.77 18.46
CA ALA A 209 12.35 15.64 18.86
C ALA A 209 11.81 15.20 20.23
N ASP A 210 11.63 13.91 20.39
CA ASP A 210 11.14 13.39 21.65
C ASP A 210 12.15 13.60 22.79
N LEU A 211 13.44 13.47 22.50
CA LEU A 211 14.48 13.82 23.48
C LEU A 211 14.44 15.31 23.87
N GLY A 212 14.13 16.16 22.90
CA GLY A 212 14.03 17.60 23.12
C GLY A 212 12.78 18.05 23.86
N LYS A 213 11.75 17.22 23.95
CA LYS A 213 10.54 17.66 24.66
C LYS A 213 10.84 17.88 26.14
N ALA B 6 -9.34 13.90 28.85
CA ALA B 6 -10.64 14.38 28.30
C ALA B 6 -10.50 14.80 26.81
N GLY B 7 -11.63 15.16 26.16
CA GLY B 7 -11.75 15.40 24.73
C GLY B 7 -12.43 14.23 23.99
N LEU B 8 -12.89 14.45 22.77
CA LEU B 8 -13.54 13.42 21.95
C LEU B 8 -12.70 12.21 21.75
N ALA B 9 -11.41 12.36 21.54
CA ALA B 9 -10.55 11.20 21.29
C ALA B 9 -10.54 10.25 22.46
N VAL B 10 -10.52 10.85 23.65
CA VAL B 10 -10.50 10.07 24.87
C VAL B 10 -11.86 9.49 25.12
N GLU B 11 -12.91 10.25 24.92
CA GLU B 11 -14.26 9.68 25.09
C GLU B 11 -14.46 8.47 24.16
N LEU B 12 -14.01 8.59 22.91
CA LEU B 12 -14.21 7.50 21.94
C LEU B 12 -13.51 6.24 22.44
N LYS B 13 -12.27 6.40 22.86
CA LYS B 13 -11.50 5.23 23.35
C LYS B 13 -12.19 4.56 24.54
N GLN B 14 -12.58 5.36 25.50
CA GLN B 14 -13.21 4.83 26.72
C GLN B 14 -14.58 4.25 26.51
N SER B 15 -15.39 4.87 25.66
CA SER B 15 -16.73 4.36 25.45
C SER B 15 -16.74 3.12 24.60
N THR B 16 -15.66 2.81 23.89
CA THR B 16 -15.58 1.59 23.09
C THR B 16 -14.65 0.53 23.63
N ALA B 17 -14.10 0.78 24.80
CA ALA B 17 -13.00 -0.07 25.27
C ALA B 17 -13.47 -1.49 25.56
N GLN B 18 -14.63 -1.60 26.15
CA GLN B 18 -15.14 -2.92 26.55
C GLN B 18 -15.50 -3.66 25.25
N ALA B 19 -16.01 -2.93 24.31
CA ALA B 19 -16.32 -3.53 22.98
C ALA B 19 -15.06 -3.97 22.26
N HIS B 20 -13.96 -3.22 22.39
CA HIS B 20 -12.74 -3.58 21.74
C HIS B 20 -12.27 -4.94 22.31
N GLU B 21 -12.34 -5.08 23.63
CA GLU B 21 -11.92 -6.29 24.34
C GLU B 21 -12.71 -7.48 23.84
N LYS B 22 -13.99 -7.27 23.68
CA LYS B 22 -14.86 -8.35 23.35
C LYS B 22 -14.59 -8.80 21.88
N ALA B 23 -14.27 -7.88 21.00
CA ALA B 23 -13.93 -8.23 19.59
C ALA B 23 -12.59 -8.94 19.54
N GLU B 24 -11.59 -8.42 20.23
CA GLU B 24 -10.28 -9.01 20.18
C GLU B 24 -10.34 -10.42 20.79
N HIS B 25 -11.19 -10.61 21.78
CA HIS B 25 -11.30 -11.88 22.48
C HIS B 25 -12.46 -12.76 21.97
N SER B 26 -12.99 -12.40 20.81
CA SER B 26 -13.96 -13.23 20.13
C SER B 26 -13.41 -14.59 19.76
N THR B 27 -14.25 -15.60 19.82
CA THR B 27 -13.85 -16.96 19.45
C THR B 27 -13.05 -16.99 18.13
N PHE B 28 -13.59 -16.38 17.06
CA PHE B 28 -12.93 -16.38 15.77
C PHE B 28 -11.60 -15.64 15.81
N MET B 29 -11.58 -14.45 16.33
CA MET B 29 -10.33 -13.72 16.25
C MET B 29 -9.29 -14.31 17.22
N SER B 30 -9.75 -14.86 18.32
CA SER B 30 -8.84 -15.52 19.28
C SER B 30 -8.19 -16.73 18.59
N ASP B 31 -9.02 -17.60 17.96
CA ASP B 31 -8.54 -18.75 17.23
C ASP B 31 -7.60 -18.29 16.11
N LEU B 32 -7.95 -17.24 15.38
CA LEU B 32 -7.12 -16.80 14.27
C LEU B 32 -5.72 -16.35 14.72
N LEU B 33 -5.71 -15.48 15.71
CA LEU B 33 -4.43 -14.88 16.10
C LEU B 33 -3.64 -15.85 16.95
N LYS B 34 -4.27 -16.83 17.60
CA LYS B 34 -3.54 -17.88 18.31
C LYS B 34 -3.00 -18.94 17.37
N GLY B 35 -3.24 -18.80 16.06
CA GLY B 35 -2.75 -19.79 15.12
C GLY B 35 -3.55 -21.05 14.94
N ARG B 36 -4.77 -21.10 15.47
CA ARG B 36 -5.58 -22.31 15.42
C ARG B 36 -6.34 -22.49 14.14
N LEU B 37 -6.43 -21.46 13.29
CA LEU B 37 -7.14 -21.61 12.02
C LEU B 37 -6.10 -21.76 10.89
N GLY B 38 -6.20 -20.93 9.87
CA GLY B 38 -5.30 -20.99 8.77
C GLY B 38 -5.40 -19.81 7.88
N VAL B 39 -4.57 -19.84 6.84
CA VAL B 39 -4.59 -18.80 5.83
C VAL B 39 -5.95 -18.68 5.12
N ALA B 40 -6.66 -19.79 4.95
CA ALA B 40 -7.99 -19.78 4.34
C ALA B 40 -8.90 -18.83 5.13
N GLU B 41 -8.87 -18.88 6.45
CA GLU B 41 -9.76 -18.06 7.30
C GLU B 41 -9.35 -16.59 7.32
N PHE B 42 -8.04 -16.35 7.35
CA PHE B 42 -7.53 -15.03 7.17
C PHE B 42 -7.98 -14.42 5.80
N THR B 43 -7.89 -15.22 4.75
CA THR B 43 -8.28 -14.73 3.45
C THR B 43 -9.77 -14.36 3.46
N ARG B 44 -10.59 -15.19 4.07
CA ARG B 44 -12.04 -14.89 4.17
C ARG B 44 -12.25 -13.59 4.95
N LEU B 45 -11.55 -13.40 6.05
CA LEU B 45 -11.66 -12.12 6.78
C LEU B 45 -11.35 -10.94 5.85
N GLN B 46 -10.25 -11.03 5.11
CA GLN B 46 -9.82 -9.94 4.24
C GLN B 46 -10.74 -9.69 3.05
N GLU B 47 -11.39 -10.76 2.57
CA GLU B 47 -12.46 -10.61 1.53
C GLU B 47 -13.65 -9.81 2.07
N GLN B 48 -14.08 -10.10 3.28
CA GLN B 48 -15.18 -9.36 3.91
C GLN B 48 -14.74 -7.91 4.12
N ALA B 49 -13.47 -7.70 4.52
CA ALA B 49 -12.95 -6.38 4.79
C ALA B 49 -12.90 -5.58 3.48
N TRP B 50 -12.56 -6.23 2.37
CA TRP B 50 -12.60 -5.51 1.10
C TRP B 50 -13.98 -4.98 0.83
N LEU B 51 -15.00 -5.82 1.02
CA LEU B 51 -16.37 -5.32 0.80
C LEU B 51 -16.74 -4.13 1.66
N PHE B 52 -16.45 -4.21 2.94
CA PHE B 52 -16.81 -3.11 3.83
C PHE B 52 -15.92 -1.88 3.75
N TYR B 53 -14.64 -2.03 3.49
CA TYR B 53 -13.74 -0.90 3.26
C TYR B 53 -14.15 -0.22 1.96
N THR B 54 -14.53 -0.98 0.90
CA THR B 54 -15.02 -0.29 -0.30
C THR B 54 -16.17 0.64 0.02
N ALA B 55 -17.16 0.09 0.71
CA ALA B 55 -18.31 0.90 1.11
C ALA B 55 -17.94 2.11 2.02
N LEU B 56 -17.11 1.81 3.01
CA LEU B 56 -16.58 2.86 3.90
C LEU B 56 -15.95 4.02 3.13
N GLU B 57 -15.11 3.69 2.16
CA GLU B 57 -14.36 4.72 1.45
C GLU B 57 -15.22 5.56 0.52
N GLN B 58 -16.28 4.95 -0.02
CA GLN B 58 -17.32 5.74 -0.68
C GLN B 58 -18.02 6.73 0.25
N ALA B 59 -18.33 6.35 1.48
CA ALA B 59 -18.88 7.26 2.43
C ALA B 59 -17.90 8.38 2.82
N VAL B 60 -16.63 8.01 3.01
CA VAL B 60 -15.61 8.95 3.32
C VAL B 60 -15.53 9.99 2.19
N ASP B 61 -15.45 9.52 0.96
CA ASP B 61 -15.40 10.37 -0.20
C ASP B 61 -16.53 11.39 -0.22
N ALA B 62 -17.78 10.92 0.04
CA ALA B 62 -18.95 11.78 0.06
C ALA B 62 -18.85 12.81 1.15
N VAL B 63 -18.47 12.39 2.35
CA VAL B 63 -18.35 13.33 3.44
C VAL B 63 -17.25 14.35 3.24
N ARG B 64 -16.12 13.93 2.71
CA ARG B 64 -15.04 14.84 2.43
C ARG B 64 -15.49 15.89 1.41
N ALA B 65 -16.26 15.43 0.42
CA ALA B 65 -16.76 16.33 -0.65
C ALA B 65 -17.63 17.40 -0.06
N SER B 66 -18.35 17.09 1.01
CA SER B 66 -19.25 18.02 1.64
C SER B 66 -18.55 19.06 2.52
N GLY B 67 -17.25 18.88 2.73
CA GLY B 67 -16.38 19.79 3.47
C GLY B 67 -16.36 19.52 4.95
N PHE B 68 -16.82 18.36 5.38
CA PHE B 68 -16.83 18.05 6.80
C PHE B 68 -15.62 17.20 7.20
N ALA B 69 -14.91 17.62 8.26
CA ALA B 69 -13.77 16.83 8.79
C ALA B 69 -12.70 16.55 7.72
N GLU B 70 -12.53 17.47 6.76
CA GLU B 70 -11.66 17.19 5.63
C GLU B 70 -10.25 16.81 6.02
N SER B 71 -9.69 17.50 7.00
CA SER B 71 -8.31 17.22 7.39
C SER B 71 -8.15 15.82 8.01
N LEU B 72 -9.16 15.36 8.75
CA LEU B 72 -9.15 13.98 9.25
C LEU B 72 -9.15 12.93 8.16
N LEU B 73 -9.93 13.21 7.12
CA LEU B 73 -10.28 12.21 6.10
C LEU B 73 -9.18 12.14 5.03
N ASP B 74 -7.96 11.80 5.49
CA ASP B 74 -6.77 11.74 4.68
C ASP B 74 -6.89 10.58 3.70
N PRO B 75 -6.89 10.85 2.43
CA PRO B 75 -7.01 9.77 1.42
C PRO B 75 -5.85 8.79 1.44
N ALA B 76 -4.71 9.21 2.00
CA ALA B 76 -3.58 8.31 2.26
C ALA B 76 -3.94 7.09 3.07
N LEU B 77 -5.02 7.17 3.85
CA LEU B 77 -5.49 6.08 4.67
C LEU B 77 -6.22 4.99 3.86
N ASN B 78 -6.63 5.33 2.64
CA ASN B 78 -7.50 4.39 1.87
C ASN B 78 -6.91 3.00 1.85
N ARG B 79 -7.73 2.01 2.15
CA ARG B 79 -7.30 0.63 2.26
C ARG B 79 -7.90 -0.31 1.19
N ALA B 80 -8.99 0.08 0.52
CA ALA B 80 -9.66 -0.90 -0.36
C ALA B 80 -8.78 -1.47 -1.49
N GLU B 81 -8.08 -0.59 -2.22
CA GLU B 81 -7.17 -1.01 -3.27
C GLU B 81 -6.01 -1.85 -2.75
N VAL B 82 -5.49 -1.51 -1.56
CA VAL B 82 -4.42 -2.29 -0.94
C VAL B 82 -4.92 -3.68 -0.62
N LEU B 83 -6.12 -3.78 -0.05
CA LEU B 83 -6.71 -5.06 0.30
C LEU B 83 -6.88 -5.90 -0.92
N ALA B 84 -7.35 -5.31 -2.00
CA ALA B 84 -7.50 -6.10 -3.21
C ALA B 84 -6.17 -6.63 -3.75
N ARG B 85 -5.08 -5.86 -3.59
CA ARG B 85 -3.76 -6.40 -3.94
C ARG B 85 -3.27 -7.52 -3.05
N ASP B 86 -3.56 -7.39 -1.76
CA ASP B 86 -3.24 -8.42 -0.78
C ASP B 86 -4.02 -9.70 -1.19
N LEU B 87 -5.27 -9.53 -1.53
CA LEU B 87 -6.10 -10.66 -1.96
C LEU B 87 -5.63 -11.31 -3.25
N ASP B 88 -5.17 -10.52 -4.20
CA ASP B 88 -4.60 -11.12 -5.44
C ASP B 88 -3.43 -12.07 -5.08
N LYS B 89 -2.67 -11.68 -4.09
CA LYS B 89 -1.53 -12.48 -3.59
C LYS B 89 -1.96 -13.68 -2.76
N LEU B 90 -2.90 -13.52 -1.83
CA LEU B 90 -3.40 -14.62 -1.01
C LEU B 90 -4.11 -15.72 -1.87
N ASN B 91 -4.88 -15.30 -2.85
CA ASN B 91 -5.61 -16.22 -3.71
C ASN B 91 -4.87 -16.70 -4.93
N GLY B 92 -3.81 -16.01 -5.31
CA GLY B 92 -3.07 -16.33 -6.51
C GLY B 92 -3.63 -15.96 -7.90
N SER B 93 -4.72 -15.20 -7.89
CA SER B 93 -5.42 -14.84 -9.13
C SER B 93 -6.31 -13.66 -8.72
N SER B 94 -6.83 -12.94 -9.71
CA SER B 94 -7.81 -11.85 -9.51
C SER B 94 -9.20 -12.39 -9.27
N GLU B 95 -9.37 -13.69 -9.43
CA GLU B 95 -10.73 -14.25 -9.62
C GLU B 95 -11.57 -14.45 -8.33
N TRP B 96 -10.99 -14.19 -7.15
CA TRP B 96 -11.76 -14.11 -5.92
C TRP B 96 -12.84 -13.09 -6.01
N ARG B 97 -12.71 -12.17 -6.96
CA ARG B 97 -13.73 -11.16 -7.20
C ARG B 97 -15.06 -11.73 -7.71
N SER B 98 -14.98 -12.85 -8.41
CA SER B 98 -16.14 -13.65 -8.86
C SER B 98 -16.83 -14.50 -7.83
N ARG B 99 -16.13 -14.81 -6.76
CA ARG B 99 -16.45 -15.86 -5.82
C ARG B 99 -16.88 -15.41 -4.39
N ILE B 100 -16.97 -14.13 -4.10
CA ILE B 100 -17.31 -13.74 -2.69
C ILE B 100 -18.67 -13.21 -2.53
N THR B 101 -19.24 -13.26 -1.32
CA THR B 101 -20.47 -12.49 -1.04
C THR B 101 -20.39 -12.04 0.43
N ALA B 102 -20.95 -10.87 0.74
CA ALA B 102 -21.04 -10.35 2.09
C ALA B 102 -21.72 -11.40 2.97
N SER B 103 -21.05 -11.83 4.03
CA SER B 103 -21.78 -12.45 5.16
C SER B 103 -22.93 -11.61 5.67
N PRO B 104 -23.84 -12.21 6.42
CA PRO B 104 -24.98 -11.46 6.92
C PRO B 104 -24.60 -10.18 7.64
N ALA B 105 -23.59 -10.25 8.51
CA ALA B 105 -23.20 -9.09 9.29
C ALA B 105 -22.60 -8.03 8.38
N VAL B 106 -21.89 -8.47 7.33
CA VAL B 106 -21.26 -7.52 6.39
C VAL B 106 -22.33 -6.82 5.58
N ILE B 107 -23.41 -7.55 5.27
CA ILE B 107 -24.57 -6.96 4.58
C ILE B 107 -25.08 -5.81 5.41
N ASP B 108 -25.32 -6.05 6.69
CA ASP B 108 -25.90 -5.06 7.59
C ASP B 108 -24.93 -3.83 7.67
N TYR B 109 -23.61 -4.10 7.79
CA TYR B 109 -22.58 -3.06 7.99
C TYR B 109 -22.51 -2.20 6.74
N VAL B 110 -22.48 -2.83 5.57
CA VAL B 110 -22.43 -2.11 4.30
C VAL B 110 -23.70 -1.30 4.15
N ASN B 111 -24.88 -1.86 4.45
CA ASN B 111 -26.11 -1.05 4.31
C ASN B 111 -26.01 0.25 5.16
N ARG B 112 -25.48 0.11 6.36
CA ARG B 112 -25.27 1.29 7.23
C ARG B 112 -24.30 2.30 6.62
N LEU B 113 -23.16 1.81 6.10
CA LEU B 113 -22.25 2.73 5.45
C LEU B 113 -22.83 3.42 4.20
N GLU B 114 -23.68 2.72 3.44
CA GLU B 114 -24.31 3.30 2.25
C GLU B 114 -25.36 4.30 2.66
N GLU B 115 -25.99 4.09 3.81
CA GLU B 115 -26.93 5.09 4.38
C GLU B 115 -26.18 6.34 4.80
N ILE B 116 -25.01 6.15 5.41
CA ILE B 116 -24.18 7.30 5.81
C ILE B 116 -23.73 8.12 4.57
N ARG B 117 -23.37 7.40 3.52
CA ARG B 117 -22.92 8.00 2.25
C ARG B 117 -24.08 8.79 1.65
N ASP B 118 -25.21 8.15 1.56
CA ASP B 118 -26.40 8.78 0.91
C ASP B 118 -26.96 9.99 1.70
N ASN B 119 -26.97 9.92 3.04
CA ASN B 119 -27.44 10.99 3.92
C ASN B 119 -26.32 12.06 4.13
N VAL B 120 -25.11 11.72 3.76
CA VAL B 120 -23.92 12.51 4.04
C VAL B 120 -23.86 12.85 5.51
N ASP B 121 -23.85 11.81 6.33
CA ASP B 121 -23.87 11.98 7.77
C ASP B 121 -22.45 12.04 8.28
N GLY B 122 -21.95 13.27 8.37
CA GLY B 122 -20.52 13.45 8.66
C GLY B 122 -20.17 12.90 10.04
N PRO B 123 -20.92 13.23 11.10
CA PRO B 123 -20.52 12.70 12.44
C PRO B 123 -20.54 11.15 12.47
N ALA B 124 -21.53 10.54 11.82
CA ALA B 124 -21.47 9.07 11.79
C ALA B 124 -20.30 8.54 11.03
N LEU B 125 -19.99 9.17 9.90
CA LEU B 125 -18.84 8.74 9.15
C LEU B 125 -17.53 8.84 9.97
N VAL B 126 -17.40 9.92 10.74
CA VAL B 126 -16.17 10.10 11.56
C VAL B 126 -16.08 9.00 12.60
N ALA B 127 -17.19 8.55 13.19
CA ALA B 127 -17.17 7.43 14.14
C ALA B 127 -16.57 6.18 13.45
N HIS B 128 -17.08 5.84 12.24
CA HIS B 128 -16.61 4.66 11.52
C HIS B 128 -15.16 4.81 11.14
N HIS B 129 -14.74 6.02 10.83
CA HIS B 129 -13.39 6.34 10.38
C HIS B 129 -12.43 6.09 11.58
N TYR B 130 -12.83 6.55 12.75
CA TYR B 130 -12.06 6.32 13.95
C TYR B 130 -11.91 4.79 14.21
N VAL B 131 -13.01 4.04 14.20
CA VAL B 131 -13.00 2.63 14.60
C VAL B 131 -12.10 1.83 13.61
N ARG B 132 -12.22 2.10 12.31
CA ARG B 132 -11.45 1.34 11.31
C ARG B 132 -10.03 1.82 11.21
N TYR B 133 -9.82 3.10 10.92
CA TYR B 133 -8.44 3.62 10.61
C TYR B 133 -7.56 3.85 11.83
N LEU B 134 -8.08 4.45 12.90
CA LEU B 134 -7.20 4.52 14.12
C LEU B 134 -6.94 3.13 14.66
N GLY B 135 -7.90 2.19 14.47
CA GLY B 135 -7.64 0.86 14.93
C GLY B 135 -6.48 0.23 14.16
N ASN B 136 -6.48 0.39 12.85
CA ASN B 136 -5.36 -0.14 12.06
C ASN B 136 -4.06 0.58 12.34
N LEU B 137 -4.10 1.90 12.48
CA LEU B 137 -2.93 2.68 12.80
C LEU B 137 -2.34 2.23 14.14
N SER B 138 -3.18 1.93 15.08
CA SER B 138 -2.70 1.63 16.44
C SER B 138 -2.37 0.13 16.66
N GLY B 139 -3.12 -0.76 16.02
CA GLY B 139 -3.03 -2.20 16.32
C GLY B 139 -2.67 -3.09 15.17
N GLY B 140 -2.64 -2.52 13.96
CA GLY B 140 -2.52 -3.36 12.81
C GLY B 140 -1.15 -4.01 12.67
N GLN B 141 -0.08 -3.31 13.08
CA GLN B 141 1.25 -3.93 13.06
C GLN B 141 1.27 -5.24 13.90
N VAL B 142 0.58 -5.28 15.05
CA VAL B 142 0.57 -6.48 15.92
C VAL B 142 -0.22 -7.58 15.23
N ILE B 143 -1.36 -7.22 14.62
CA ILE B 143 -2.18 -8.25 13.97
C ILE B 143 -1.40 -8.88 12.79
N ALA B 144 -0.76 -8.03 12.00
CA ALA B 144 0.06 -8.50 10.88
C ALA B 144 1.17 -9.41 11.36
N ARG B 145 1.83 -9.02 12.45
CA ARG B 145 2.92 -9.84 12.99
C ARG B 145 2.45 -11.16 13.43
N MET B 146 1.28 -11.20 14.07
CA MET B 146 0.73 -12.48 14.51
C MET B 146 0.35 -13.36 13.31
N MET B 147 -0.13 -12.76 12.20
CA MET B 147 -0.46 -13.55 11.05
C MET B 147 0.79 -14.14 10.41
N GLN B 148 1.88 -13.38 10.36
CA GLN B 148 3.08 -13.91 9.78
C GLN B 148 3.70 -14.97 10.71
N ARG B 149 3.71 -14.74 12.03
CA ARG B 149 4.29 -15.67 12.98
C ARG B 149 3.55 -16.99 13.14
N HIS B 150 2.22 -16.98 12.96
CA HIS B 150 1.49 -18.24 13.07
C HIS B 150 1.21 -19.01 11.82
N TYR B 151 1.18 -18.31 10.69
CA TYR B 151 0.78 -18.91 9.41
C TYR B 151 1.82 -18.80 8.29
N GLY B 152 2.88 -18.00 8.50
CA GLY B 152 3.89 -17.78 7.49
C GLY B 152 3.41 -16.94 6.31
N VAL B 153 2.44 -16.09 6.54
CA VAL B 153 1.91 -15.25 5.47
C VAL B 153 2.99 -14.32 5.03
N ASP B 154 3.15 -14.18 3.71
CA ASP B 154 4.09 -13.26 3.15
C ASP B 154 3.80 -11.81 3.36
N PRO B 155 4.81 -11.00 3.63
CA PRO B 155 4.53 -9.58 3.85
C PRO B 155 3.86 -8.90 2.69
N GLU B 156 4.11 -9.39 1.46
CA GLU B 156 3.35 -8.86 0.29
C GLU B 156 1.82 -9.07 0.38
N ALA B 157 1.34 -9.93 1.25
CA ALA B 157 -0.12 -10.13 1.39
C ALA B 157 -0.66 -9.49 2.65
N LEU B 158 0.16 -8.64 3.29
CA LEU B 158 -0.15 -7.93 4.54
C LEU B 158 -0.05 -6.41 4.38
N GLY B 159 -0.12 -5.90 3.13
CA GLY B 159 -0.07 -4.49 2.89
C GLY B 159 -1.16 -3.71 3.61
N PHE B 160 -2.30 -4.36 3.87
CA PHE B 160 -3.45 -3.72 4.55
C PHE B 160 -3.01 -3.08 5.85
N TYR B 161 -2.11 -3.77 6.55
CA TYR B 161 -1.72 -3.38 7.91
C TYR B 161 -0.58 -2.36 7.94
N HIS B 162 -0.16 -1.92 6.78
CA HIS B 162 0.98 -0.99 6.65
C HIS B 162 0.60 0.21 5.83
N PHE B 163 0.98 1.39 6.33
CA PHE B 163 0.60 2.63 5.68
C PHE B 163 1.87 3.17 5.11
N GLU B 164 2.03 2.98 3.79
CA GLU B 164 3.35 3.20 3.12
C GLU B 164 3.75 4.63 3.34
N GLY B 165 2.79 5.53 3.27
CA GLY B 165 3.10 6.94 3.34
C GLY B 165 3.10 7.50 4.74
N ILE B 166 3.21 6.68 5.78
CA ILE B 166 3.20 7.18 7.17
C ILE B 166 4.29 6.48 8.03
N ALA B 167 5.46 7.08 8.09
CA ALA B 167 6.59 6.57 8.90
C ALA B 167 6.35 6.63 10.41
N LYS B 168 6.01 7.80 10.90
CA LYS B 168 5.95 8.03 12.32
C LYS B 168 4.52 7.87 12.75
N LEU B 169 4.14 6.62 12.99
CA LEU B 169 2.76 6.32 13.36
C LEU B 169 2.37 7.13 14.60
N LYS B 170 3.28 7.24 15.56
CA LYS B 170 2.91 7.93 16.79
C LYS B 170 2.53 9.35 16.56
N VAL B 171 3.29 10.04 15.72
CA VAL B 171 3.00 11.45 15.46
C VAL B 171 1.69 11.56 14.68
N TYR B 172 1.47 10.62 13.76
CA TYR B 172 0.26 10.67 12.96
C TYR B 172 -0.95 10.43 13.86
N LYS B 173 -0.86 9.44 14.74
CA LYS B 173 -1.98 9.13 15.64
C LYS B 173 -2.25 10.27 16.61
N ASP B 174 -1.20 10.95 17.08
CA ASP B 174 -1.43 12.15 17.91
C ASP B 174 -2.14 13.27 17.16
N GLU B 175 -1.73 13.50 15.91
CA GLU B 175 -2.35 14.53 15.13
C GLU B 175 -3.78 14.12 14.81
N TYR B 176 -4.02 12.85 14.55
CA TYR B 176 -5.41 12.34 14.31
C TYR B 176 -6.32 12.62 15.53
N ARG B 177 -5.83 12.25 16.72
CA ARG B 177 -6.54 12.52 17.96
C ARG B 177 -6.76 14.02 18.17
N GLU B 178 -5.81 14.85 17.78
CA GLU B 178 -6.00 16.28 17.93
C GLU B 178 -7.07 16.78 16.95
N LYS B 179 -7.10 16.21 15.74
CA LYS B 179 -8.13 16.60 14.79
C LYS B 179 -9.53 16.20 15.32
N LEU B 180 -9.63 15.03 15.95
CA LEU B 180 -10.86 14.62 16.60
C LEU B 180 -11.28 15.61 17.68
N ASN B 181 -10.33 15.97 18.52
CA ASN B 181 -10.58 16.87 19.64
C ASN B 181 -11.00 18.23 19.11
N ASN B 182 -10.50 18.64 17.95
CA ASN B 182 -10.80 19.98 17.39
C ASN B 182 -12.00 20.08 16.44
N LEU B 183 -12.61 18.95 16.12
CA LEU B 183 -13.78 18.96 15.28
C LEU B 183 -14.90 19.71 16.04
N GLU B 184 -15.44 20.76 15.42
CA GLU B 184 -16.61 21.47 16.01
C GLU B 184 -17.84 20.60 15.85
N LEU B 185 -18.40 20.17 16.98
CA LEU B 185 -19.61 19.34 16.97
C LEU B 185 -20.64 19.93 17.95
N SER B 186 -21.88 19.89 17.55
CA SER B 186 -22.94 20.24 18.45
C SER B 186 -23.17 19.07 19.43
N ASP B 187 -23.90 19.31 20.54
CA ASP B 187 -24.21 18.25 21.46
C ASP B 187 -24.84 17.09 20.75
N GLU B 188 -25.78 17.37 19.88
CA GLU B 188 -26.48 16.29 19.19
C GLU B 188 -25.54 15.55 18.26
N GLN B 189 -24.68 16.27 17.57
CA GLN B 189 -23.73 15.65 16.66
C GLN B 189 -22.80 14.77 17.43
N ARG B 190 -22.29 15.30 18.52
CA ARG B 190 -21.39 14.51 19.36
C ARG B 190 -22.01 13.23 19.94
N GLU B 191 -23.24 13.31 20.42
CA GLU B 191 -23.94 12.10 20.93
C GLU B 191 -24.15 11.10 19.85
N HIS B 192 -24.50 11.61 18.64
CA HIS B 192 -24.77 10.72 17.49
C HIS B 192 -23.46 10.00 17.10
N LEU B 193 -22.38 10.73 17.07
CA LEU B 193 -21.06 10.18 16.76
C LEU B 193 -20.66 9.05 17.73
N LEU B 194 -20.81 9.33 19.03
CA LEU B 194 -20.45 8.37 20.06
C LEU B 194 -21.27 7.13 19.96
N LYS B 195 -22.56 7.29 19.72
CA LYS B 195 -23.42 6.10 19.56
C LYS B 195 -23.01 5.26 18.34
N GLU B 196 -22.66 5.97 17.26
CA GLU B 196 -22.24 5.31 16.02
C GLU B 196 -20.98 4.49 16.22
N ALA B 197 -20.03 4.99 17.03
CA ALA B 197 -18.80 4.26 17.27
C ALA B 197 -19.03 2.94 18.00
N THR B 198 -19.97 2.94 18.95
CA THR B 198 -20.39 1.68 19.57
C THR B 198 -21.07 0.75 18.55
N ASP B 199 -21.93 1.30 17.69
CA ASP B 199 -22.63 0.50 16.69
C ASP B 199 -21.61 -0.11 15.72
N ALA B 200 -20.56 0.63 15.42
CA ALA B 200 -19.52 0.14 14.46
C ALA B 200 -18.85 -1.13 15.11
N PHE B 201 -18.48 -1.07 16.38
CA PHE B 201 -17.92 -2.26 17.08
C PHE B 201 -18.89 -3.41 17.09
N VAL B 202 -20.16 -3.14 17.29
CA VAL B 202 -21.17 -4.21 17.27
C VAL B 202 -21.16 -4.88 15.89
N PHE B 203 -21.12 -4.09 14.81
CA PHE B 203 -21.11 -4.68 13.46
C PHE B 203 -19.90 -5.61 13.38
N ASN B 204 -18.76 -5.11 13.81
CA ASN B 204 -17.54 -5.88 13.63
C ASN B 204 -17.55 -7.14 14.44
N HIS B 205 -18.08 -7.07 15.66
CA HIS B 205 -18.26 -8.30 16.48
C HIS B 205 -19.17 -9.35 15.79
N GLN B 206 -20.18 -8.89 15.07
CA GLN B 206 -21.07 -9.77 14.31
C GLN B 206 -20.39 -10.34 13.04
N VAL B 207 -19.48 -9.59 12.41
CA VAL B 207 -18.66 -10.13 11.35
C VAL B 207 -17.79 -11.31 11.86
N PHE B 208 -17.15 -11.14 13.03
CA PHE B 208 -16.34 -12.17 13.60
C PHE B 208 -17.25 -13.38 13.96
N ALA B 209 -18.39 -13.14 14.53
CA ALA B 209 -19.36 -14.24 14.84
C ALA B 209 -19.70 -15.04 13.56
N ASP B 210 -19.99 -14.36 12.47
CA ASP B 210 -20.29 -15.04 11.23
C ASP B 210 -19.13 -15.85 10.72
N LEU B 211 -17.93 -15.26 10.79
CA LEU B 211 -16.79 -15.91 10.24
C LEU B 211 -16.49 -17.16 11.10
N GLY B 212 -16.75 -17.07 12.40
CA GLY B 212 -16.51 -18.21 13.27
C GLY B 212 -17.44 -19.36 13.01
N LYS B 213 -18.61 -19.03 12.48
CA LYS B 213 -19.62 -20.03 12.11
C LYS B 213 -19.46 -20.47 10.65
N GLY B 214 -18.42 -20.03 9.98
CA GLY B 214 -18.13 -20.47 8.64
C GLY B 214 -18.95 -19.75 7.55
N LEU B 215 -19.63 -18.69 7.94
CA LEU B 215 -20.33 -17.85 7.01
C LEU B 215 -19.37 -16.81 6.47
N GLY C 7 2.84 -1.20 -42.25
CA GLY C 7 2.99 -0.95 -40.82
C GLY C 7 2.04 -1.81 -39.98
N LEU C 8 2.45 -2.03 -38.73
CA LEU C 8 1.77 -2.97 -37.86
C LEU C 8 0.28 -2.63 -37.63
N ALA C 9 -0.01 -1.31 -37.53
CA ALA C 9 -1.38 -0.86 -37.28
C ALA C 9 -2.29 -1.21 -38.48
N VAL C 10 -1.70 -1.15 -39.68
CA VAL C 10 -2.50 -1.41 -40.87
C VAL C 10 -2.79 -2.92 -40.91
N GLU C 11 -1.75 -3.79 -40.48
CA GLU C 11 -1.93 -5.24 -40.64
C GLU C 11 -2.77 -5.82 -39.48
N LEU C 12 -2.64 -5.22 -38.29
CA LEU C 12 -3.67 -5.47 -37.29
C LEU C 12 -5.11 -5.14 -37.76
N LYS C 13 -5.33 -3.90 -38.26
CA LYS C 13 -6.65 -3.55 -38.71
C LYS C 13 -7.11 -4.69 -39.65
N GLN C 14 -6.27 -4.91 -40.68
CA GLN C 14 -6.69 -5.76 -41.80
C GLN C 14 -6.94 -7.15 -41.37
N SER C 15 -6.00 -7.68 -40.58
CA SER C 15 -6.09 -9.06 -40.18
C SER C 15 -7.23 -9.31 -39.22
N THR C 16 -7.73 -8.26 -38.51
CA THR C 16 -8.89 -8.39 -37.63
C THR C 16 -10.18 -7.80 -38.19
N ALA C 17 -10.17 -7.30 -39.42
CA ALA C 17 -11.32 -6.57 -39.88
C ALA C 17 -12.58 -7.41 -39.96
N GLN C 18 -12.50 -8.68 -40.35
CA GLN C 18 -13.72 -9.49 -40.40
C GLN C 18 -14.12 -9.98 -39.01
N ALA C 19 -13.16 -10.09 -38.10
CA ALA C 19 -13.49 -10.34 -36.68
C ALA C 19 -14.24 -9.18 -36.03
N HIS C 20 -13.82 -7.94 -36.34
CA HIS C 20 -14.47 -6.73 -35.86
C HIS C 20 -15.90 -6.56 -36.41
N GLU C 21 -16.10 -6.86 -37.71
CA GLU C 21 -17.46 -6.94 -38.30
C GLU C 21 -18.39 -7.85 -37.48
N LYS C 22 -17.90 -9.05 -37.14
CA LYS C 22 -18.65 -9.95 -36.29
C LYS C 22 -18.80 -9.39 -34.87
N ALA C 23 -17.87 -8.56 -34.42
CA ALA C 23 -18.03 -7.93 -33.11
C ALA C 23 -19.12 -6.87 -33.12
N GLU C 24 -19.24 -6.14 -34.24
CA GLU C 24 -20.23 -5.05 -34.37
C GLU C 24 -21.64 -5.61 -34.44
N HIS C 25 -21.74 -6.79 -35.03
CA HIS C 25 -23.01 -7.34 -35.46
C HIS C 25 -23.32 -8.63 -34.68
N SER C 26 -22.64 -8.83 -33.55
CA SER C 26 -23.04 -9.91 -32.66
C SER C 26 -24.49 -9.69 -32.16
N THR C 27 -25.18 -10.77 -31.81
CA THR C 27 -26.60 -10.64 -31.42
C THR C 27 -26.83 -9.82 -30.16
N PHE C 28 -26.08 -10.14 -29.12
CA PHE C 28 -26.14 -9.36 -27.93
C PHE C 28 -25.93 -7.90 -28.29
N MET C 29 -24.83 -7.61 -28.98
CA MET C 29 -24.46 -6.21 -29.24
C MET C 29 -25.45 -5.42 -30.10
N SER C 30 -25.94 -6.02 -31.18
CA SER C 30 -26.84 -5.31 -32.11
C SER C 30 -28.20 -5.05 -31.47
N ASP C 31 -28.76 -6.06 -30.78
CA ASP C 31 -29.95 -5.91 -29.94
C ASP C 31 -29.80 -4.77 -28.89
N LEU C 32 -28.65 -4.74 -28.23
CA LEU C 32 -28.42 -3.78 -27.15
C LEU C 32 -28.36 -2.37 -27.73
N LEU C 33 -27.69 -2.21 -28.87
CA LEU C 33 -27.61 -0.90 -29.52
C LEU C 33 -28.93 -0.50 -30.19
N LYS C 34 -29.73 -1.50 -30.48
CA LYS C 34 -31.05 -1.30 -31.06
C LYS C 34 -32.05 -0.90 -29.95
N GLY C 35 -31.65 -1.09 -28.66
CA GLY C 35 -32.52 -0.81 -27.48
C GLY C 35 -33.39 -1.99 -27.04
N ARG C 36 -33.10 -3.17 -27.62
CA ARG C 36 -34.03 -4.34 -27.59
C ARG C 36 -33.97 -5.00 -26.26
N LEU C 37 -32.84 -4.74 -25.60
CA LEU C 37 -32.54 -5.25 -24.30
C LEU C 37 -32.93 -4.18 -23.25
N GLY C 38 -32.09 -4.01 -22.25
CA GLY C 38 -32.45 -3.15 -21.17
C GLY C 38 -31.31 -3.16 -20.17
N VAL C 39 -31.57 -2.60 -19.01
CA VAL C 39 -30.50 -2.30 -18.06
C VAL C 39 -29.93 -3.55 -17.41
N ALA C 40 -30.77 -4.49 -17.00
CA ALA C 40 -30.25 -5.79 -16.56
C ALA C 40 -29.11 -6.32 -17.43
N GLU C 41 -29.22 -6.22 -18.75
CA GLU C 41 -28.19 -6.84 -19.58
C GLU C 41 -26.98 -5.94 -19.72
N PHE C 42 -27.15 -4.65 -19.76
CA PHE C 42 -26.03 -3.77 -19.93
C PHE C 42 -25.20 -3.95 -18.66
N THR C 43 -25.90 -4.07 -17.53
CA THR C 43 -25.22 -4.20 -16.21
C THR C 43 -24.42 -5.49 -16.18
N ARG C 44 -24.93 -6.54 -16.81
CA ARG C 44 -24.12 -7.75 -16.96
C ARG C 44 -22.88 -7.54 -17.81
N LEU C 45 -23.01 -6.91 -18.97
CA LEU C 45 -21.85 -6.68 -19.82
C LEU C 45 -20.78 -6.04 -18.96
N GLN C 46 -21.15 -4.99 -18.22
CA GLN C 46 -20.17 -4.12 -17.55
C GLN C 46 -19.56 -4.87 -16.34
N GLU C 47 -20.35 -5.73 -15.72
CA GLU C 47 -19.82 -6.55 -14.66
C GLU C 47 -18.82 -7.50 -15.23
N GLN C 48 -19.06 -8.04 -16.43
CA GLN C 48 -18.07 -8.92 -17.02
C GLN C 48 -16.87 -8.14 -17.39
N ALA C 49 -17.10 -6.98 -17.93
CA ALA C 49 -15.97 -6.17 -18.42
C ALA C 49 -15.14 -5.82 -17.18
N TRP C 50 -15.75 -5.56 -16.04
CA TRP C 50 -14.96 -5.19 -14.83
C TRP C 50 -13.99 -6.35 -14.46
N LEU C 51 -14.49 -7.58 -14.52
CA LEU C 51 -13.61 -8.74 -14.27
C LEU C 51 -12.48 -8.87 -15.25
N PHE C 52 -12.75 -8.82 -16.56
CA PHE C 52 -11.65 -9.00 -17.47
C PHE C 52 -10.76 -7.78 -17.67
N TYR C 53 -11.30 -6.57 -17.50
CA TYR C 53 -10.49 -5.35 -17.58
C TYR C 53 -9.56 -5.30 -16.32
N THR C 54 -10.01 -5.84 -15.18
CA THR C 54 -9.15 -5.88 -14.00
C THR C 54 -7.95 -6.78 -14.30
N ALA C 55 -8.21 -7.96 -14.85
CA ALA C 55 -7.11 -8.88 -15.23
C ALA C 55 -6.24 -8.32 -16.39
N LEU C 56 -6.87 -7.64 -17.38
CA LEU C 56 -6.12 -7.09 -18.49
C LEU C 56 -5.15 -6.08 -17.92
N GLU C 57 -5.63 -5.24 -17.04
CA GLU C 57 -4.79 -4.13 -16.59
C GLU C 57 -3.66 -4.59 -15.66
N GLN C 58 -3.82 -5.71 -14.96
CA GLN C 58 -2.72 -6.34 -14.24
C GLN C 58 -1.64 -6.80 -15.22
N ALA C 59 -2.09 -7.36 -16.33
CA ALA C 59 -1.16 -7.76 -17.38
C ALA C 59 -0.47 -6.58 -18.05
N VAL C 60 -1.22 -5.51 -18.32
CA VAL C 60 -0.62 -4.29 -18.85
C VAL C 60 0.43 -3.76 -17.91
N ASP C 61 0.12 -3.69 -16.60
CA ASP C 61 1.05 -3.18 -15.60
C ASP C 61 2.36 -4.00 -15.71
N ALA C 62 2.21 -5.33 -15.81
CA ALA C 62 3.41 -6.21 -15.75
C ALA C 62 4.33 -5.95 -16.95
N VAL C 63 3.70 -5.87 -18.10
CA VAL C 63 4.47 -5.56 -19.35
C VAL C 63 5.16 -4.18 -19.33
N ARG C 64 4.50 -3.12 -18.87
CA ARG C 64 5.12 -1.81 -18.80
C ARG C 64 6.30 -1.78 -17.87
N ALA C 65 6.22 -2.61 -16.81
CA ALA C 65 7.22 -2.64 -15.80
C ALA C 65 8.50 -3.25 -16.40
N SER C 66 8.34 -4.10 -17.40
CA SER C 66 9.45 -4.75 -18.05
C SER C 66 10.09 -3.83 -19.12
N GLY C 67 9.54 -2.63 -19.27
CA GLY C 67 10.06 -1.67 -20.22
C GLY C 67 9.72 -1.99 -21.65
N PHE C 68 8.60 -2.66 -21.93
CA PHE C 68 8.19 -2.92 -23.32
C PHE C 68 6.97 -2.09 -23.71
N ALA C 69 6.98 -1.53 -24.92
CA ALA C 69 5.85 -0.69 -25.39
C ALA C 69 5.40 0.36 -24.36
N GLU C 70 6.37 0.86 -23.59
CA GLU C 70 6.08 1.77 -22.49
C GLU C 70 5.20 2.97 -22.86
N SER C 71 5.49 3.63 -23.99
CA SER C 71 4.77 4.80 -24.38
C SER C 71 3.39 4.46 -24.94
N LEU C 72 3.20 3.28 -25.53
CA LEU C 72 1.85 2.85 -25.91
C LEU C 72 0.88 2.56 -24.69
N LEU C 73 1.45 1.98 -23.65
CA LEU C 73 0.69 1.49 -22.49
C LEU C 73 0.43 2.64 -21.50
N ASP C 74 -0.24 3.68 -22.02
CA ASP C 74 -0.56 4.89 -21.29
C ASP C 74 -1.51 4.50 -20.11
N PRO C 75 -1.12 4.75 -18.87
CA PRO C 75 -2.01 4.47 -17.73
C PRO C 75 -3.31 5.30 -17.79
N ALA C 76 -3.32 6.38 -18.54
CA ALA C 76 -4.58 7.16 -18.73
C ALA C 76 -5.72 6.35 -19.37
N LEU C 77 -5.39 5.28 -20.07
CA LEU C 77 -6.42 4.40 -20.68
C LEU C 77 -7.18 3.39 -19.72
N ASN C 78 -6.67 3.19 -18.52
CA ASN C 78 -7.24 2.15 -17.63
C ASN C 78 -8.73 2.31 -17.45
N ARG C 79 -9.48 1.21 -17.56
CA ARG C 79 -10.92 1.14 -17.49
C ARG C 79 -11.48 0.49 -16.21
N ALA C 80 -10.67 -0.28 -15.51
CA ALA C 80 -11.24 -1.09 -14.46
C ALA C 80 -11.90 -0.26 -13.35
N GLU C 81 -11.22 0.79 -12.91
CA GLU C 81 -11.77 1.57 -11.79
C GLU C 81 -13.02 2.34 -12.25
N VAL C 82 -12.97 2.84 -13.48
CA VAL C 82 -14.09 3.50 -14.12
C VAL C 82 -15.28 2.59 -14.22
N LEU C 83 -15.06 1.32 -14.56
CA LEU C 83 -16.18 0.35 -14.62
C LEU C 83 -16.85 0.13 -13.24
N ALA C 84 -16.05 0.06 -12.19
CA ALA C 84 -16.59 -0.16 -10.84
C ALA C 84 -17.43 1.06 -10.44
N ARG C 85 -16.96 2.26 -10.77
CA ARG C 85 -17.73 3.46 -10.48
C ARG C 85 -19.03 3.48 -11.25
N ASP C 86 -18.98 3.07 -12.51
CA ASP C 86 -20.17 3.01 -13.32
C ASP C 86 -21.16 2.04 -12.72
N LEU C 87 -20.67 0.90 -12.26
CA LEU C 87 -21.55 -0.08 -11.69
C LEU C 87 -22.13 0.39 -10.36
N ASP C 88 -21.33 1.10 -9.55
CA ASP C 88 -21.92 1.68 -8.35
C ASP C 88 -23.08 2.63 -8.69
N LYS C 89 -22.93 3.36 -9.78
CA LYS C 89 -23.95 4.34 -10.19
C LYS C 89 -25.14 3.63 -10.77
N LEU C 90 -24.91 2.60 -11.56
CA LEU C 90 -25.98 1.84 -12.22
C LEU C 90 -26.81 1.18 -11.18
N ASN C 91 -26.15 0.61 -10.20
CA ASN C 91 -26.79 -0.15 -9.13
C ASN C 91 -27.21 0.64 -7.94
N GLY C 92 -26.77 1.88 -7.82
CA GLY C 92 -27.01 2.64 -6.63
C GLY C 92 -26.53 1.96 -5.34
N SER C 93 -25.52 1.12 -5.47
CA SER C 93 -24.90 0.50 -4.32
C SER C 93 -23.56 -0.13 -4.73
N SER C 94 -22.75 -0.41 -3.73
CA SER C 94 -21.53 -1.10 -3.98
C SER C 94 -21.76 -2.59 -3.98
N GLU C 95 -22.96 -3.03 -3.60
CA GLU C 95 -23.08 -4.41 -3.18
C GLU C 95 -23.14 -5.39 -4.38
N TRP C 96 -23.06 -4.87 -5.59
CA TRP C 96 -22.95 -5.70 -6.81
C TRP C 96 -21.69 -6.56 -6.68
N ARG C 97 -20.73 -6.08 -5.88
CA ARG C 97 -19.52 -6.82 -5.69
C ARG C 97 -19.85 -8.15 -4.99
N SER C 98 -21.01 -8.24 -4.34
CA SER C 98 -21.58 -9.48 -3.73
C SER C 98 -22.51 -10.36 -4.56
N ARG C 99 -22.83 -9.92 -5.75
CA ARG C 99 -23.64 -10.64 -6.69
C ARG C 99 -22.86 -11.17 -7.90
N ILE C 100 -21.79 -10.49 -8.27
CA ILE C 100 -21.16 -10.71 -9.57
C ILE C 100 -20.59 -12.10 -9.66
N THR C 101 -20.84 -12.77 -10.79
CA THR C 101 -20.21 -14.04 -11.13
C THR C 101 -19.65 -13.91 -12.55
N ALA C 102 -18.53 -14.58 -12.77
CA ALA C 102 -17.93 -14.58 -14.07
C ALA C 102 -18.59 -15.68 -14.90
N SER C 103 -18.80 -15.38 -16.17
CA SER C 103 -19.25 -16.40 -17.12
C SER C 103 -18.04 -17.24 -17.53
N PRO C 104 -18.28 -18.50 -17.97
CA PRO C 104 -17.16 -19.37 -18.36
C PRO C 104 -16.26 -18.70 -19.37
N ALA C 105 -16.81 -17.94 -20.30
CA ALA C 105 -16.03 -17.28 -21.31
C ALA C 105 -15.07 -16.27 -20.64
N VAL C 106 -15.59 -15.56 -19.64
CA VAL C 106 -14.77 -14.58 -18.89
C VAL C 106 -13.68 -15.23 -18.04
N ILE C 107 -13.99 -16.29 -17.33
CA ILE C 107 -12.96 -17.03 -16.62
C ILE C 107 -11.84 -17.48 -17.57
N ASP C 108 -12.15 -17.84 -18.82
CA ASP C 108 -11.13 -18.36 -19.73
C ASP C 108 -10.26 -17.20 -20.24
N TYR C 109 -10.89 -16.05 -20.36
CA TYR C 109 -10.27 -14.89 -20.91
C TYR C 109 -9.39 -14.42 -19.80
N VAL C 110 -9.91 -14.43 -18.60
CA VAL C 110 -9.10 -13.95 -17.41
C VAL C 110 -7.90 -14.85 -17.15
N ASN C 111 -8.10 -16.16 -17.22
CA ASN C 111 -6.98 -17.15 -17.23
C ASN C 111 -5.91 -16.83 -18.23
N ARG C 112 -6.30 -16.53 -19.47
CA ARG C 112 -5.33 -16.23 -20.49
C ARG C 112 -4.62 -14.92 -20.13
N LEU C 113 -5.38 -13.88 -19.68
CA LEU C 113 -4.73 -12.63 -19.32
C LEU C 113 -3.74 -12.82 -18.16
N GLU C 114 -4.07 -13.69 -17.22
CA GLU C 114 -3.22 -14.01 -16.04
C GLU C 114 -1.94 -14.73 -16.48
N GLU C 115 -2.06 -15.53 -17.51
CA GLU C 115 -0.89 -16.17 -18.16
C GLU C 115 0.01 -15.16 -18.83
N ILE C 116 -0.58 -14.25 -19.59
CA ILE C 116 0.14 -13.15 -20.22
C ILE C 116 0.87 -12.32 -19.21
N ARG C 117 0.23 -12.09 -18.06
CA ARG C 117 0.83 -11.34 -17.00
C ARG C 117 2.02 -12.11 -16.45
N ASP C 118 1.78 -13.38 -16.11
CA ASP C 118 2.80 -14.21 -15.46
C ASP C 118 3.98 -14.48 -16.38
N ASN C 119 3.71 -14.67 -17.65
CA ASN C 119 4.79 -14.90 -18.66
C ASN C 119 5.42 -13.62 -19.20
N VAL C 120 4.89 -12.45 -18.86
CA VAL C 120 5.33 -11.17 -19.30
C VAL C 120 5.49 -11.14 -20.82
N ASP C 121 4.41 -11.56 -21.44
CA ASP C 121 4.33 -11.68 -22.88
C ASP C 121 3.96 -10.38 -23.54
N GLY C 122 4.98 -9.55 -23.76
CA GLY C 122 4.79 -8.21 -24.29
C GLY C 122 3.99 -8.15 -25.59
N PRO C 123 4.39 -8.90 -26.61
CA PRO C 123 3.70 -8.78 -27.92
C PRO C 123 2.27 -9.27 -27.73
N ALA C 124 2.09 -10.32 -26.93
CA ALA C 124 0.72 -10.82 -26.70
C ALA C 124 -0.14 -9.74 -25.96
N LEU C 125 0.45 -9.05 -25.00
CA LEU C 125 -0.31 -8.05 -24.27
C LEU C 125 -0.71 -6.86 -25.22
N VAL C 126 0.22 -6.48 -26.12
CA VAL C 126 0.03 -5.27 -26.90
C VAL C 126 -1.16 -5.57 -27.75
N ALA C 127 -1.18 -6.81 -28.21
CA ALA C 127 -2.30 -7.23 -29.04
C ALA C 127 -3.62 -7.04 -28.36
N HIS C 128 -3.77 -7.54 -27.13
CA HIS C 128 -5.02 -7.38 -26.40
C HIS C 128 -5.28 -5.84 -26.18
N HIS C 129 -4.26 -5.03 -26.01
CA HIS C 129 -4.41 -3.62 -25.76
C HIS C 129 -5.02 -2.90 -26.93
N TYR C 130 -4.53 -3.20 -28.15
CA TYR C 130 -5.04 -2.58 -29.42
C TYR C 130 -6.52 -2.98 -29.60
N VAL C 131 -6.88 -4.25 -29.48
CA VAL C 131 -8.31 -4.65 -29.52
C VAL C 131 -9.23 -4.01 -28.44
N ARG C 132 -8.83 -4.04 -27.17
CA ARG C 132 -9.70 -3.43 -26.13
C ARG C 132 -9.70 -1.90 -26.18
N TYR C 133 -8.55 -1.25 -26.24
CA TYR C 133 -8.51 0.17 -26.02
C TYR C 133 -8.75 0.97 -27.31
N LEU C 134 -8.17 0.52 -28.42
CA LEU C 134 -8.26 1.36 -29.64
C LEU C 134 -9.69 1.28 -30.12
N GLY C 135 -10.33 0.13 -29.95
CA GLY C 135 -11.76 0.01 -30.23
C GLY C 135 -12.67 0.87 -29.33
N ASN C 136 -12.38 0.91 -28.02
CA ASN C 136 -13.14 1.87 -27.19
C ASN C 136 -12.85 3.33 -27.59
N LEU C 137 -11.59 3.66 -27.93
CA LEU C 137 -11.21 5.03 -28.28
C LEU C 137 -11.94 5.50 -29.53
N SER C 138 -12.15 4.55 -30.42
CA SER C 138 -12.64 4.84 -31.77
C SER C 138 -14.17 4.89 -31.80
N GLY C 139 -14.79 4.00 -31.01
CA GLY C 139 -16.20 3.62 -31.09
C GLY C 139 -17.07 3.58 -29.81
N GLY C 140 -16.45 3.74 -28.64
CA GLY C 140 -17.18 3.70 -27.38
C GLY C 140 -18.22 4.78 -27.25
N GLN C 141 -17.93 5.95 -27.82
CA GLN C 141 -18.82 7.10 -27.64
C GLN C 141 -20.13 6.72 -28.28
N VAL C 142 -20.09 5.88 -29.32
CA VAL C 142 -21.31 5.31 -29.86
C VAL C 142 -22.14 4.47 -28.82
N ILE C 143 -21.50 3.43 -28.23
CA ILE C 143 -22.17 2.50 -27.20
C ILE C 143 -22.84 3.24 -25.96
N ALA C 144 -22.09 4.25 -25.48
CA ALA C 144 -22.62 5.32 -24.54
C ALA C 144 -23.80 6.16 -25.06
N ARG C 145 -23.72 6.72 -26.25
CA ARG C 145 -24.86 7.54 -26.69
C ARG C 145 -26.12 6.63 -26.76
N MET C 146 -25.86 5.29 -26.97
CA MET C 146 -26.95 4.41 -27.24
C MET C 146 -27.56 4.06 -25.94
N MET C 147 -26.73 3.84 -24.90
CA MET C 147 -27.28 3.51 -23.56
C MET C 147 -28.07 4.62 -22.81
N GLN C 148 -27.62 5.88 -22.97
CA GLN C 148 -28.51 7.13 -22.77
C GLN C 148 -29.79 7.13 -23.65
N ARG C 149 -29.66 6.95 -24.95
CA ARG C 149 -30.78 7.26 -25.86
C ARG C 149 -31.91 6.25 -25.67
N HIS C 150 -31.54 4.97 -25.70
CA HIS C 150 -32.49 3.87 -25.67
C HIS C 150 -32.89 3.42 -24.28
N TYR C 151 -31.96 3.51 -23.30
CA TYR C 151 -32.21 2.99 -21.93
C TYR C 151 -32.11 4.00 -20.79
N GLY C 152 -31.74 5.24 -21.13
CA GLY C 152 -31.87 6.36 -20.18
C GLY C 152 -30.82 6.18 -19.14
N VAL C 153 -29.77 5.46 -19.54
CA VAL C 153 -28.65 5.25 -18.64
C VAL C 153 -27.95 6.57 -18.43
N ASP C 154 -27.71 6.84 -17.15
CA ASP C 154 -27.23 8.16 -16.77
C ASP C 154 -25.89 8.28 -17.36
N PRO C 155 -25.54 9.40 -18.00
CA PRO C 155 -24.14 9.58 -18.44
C PRO C 155 -23.06 9.35 -17.36
N GLU C 156 -23.37 9.58 -16.10
CA GLU C 156 -22.39 9.27 -15.06
C GLU C 156 -22.20 7.75 -14.81
N ALA C 157 -23.07 6.89 -15.35
CA ALA C 157 -22.89 5.43 -15.38
C ALA C 157 -22.24 4.86 -16.69
N LEU C 158 -21.75 5.73 -17.55
CA LEU C 158 -21.17 5.35 -18.83
C LEU C 158 -19.76 5.90 -18.97
N GLY C 159 -19.12 6.13 -17.83
CA GLY C 159 -17.73 6.55 -17.76
C GLY C 159 -16.79 5.69 -18.56
N PHE C 160 -17.11 4.39 -18.66
CA PHE C 160 -16.31 3.37 -19.32
C PHE C 160 -16.05 3.80 -20.78
N TYR C 161 -17.02 4.45 -21.34
CA TYR C 161 -16.96 4.85 -22.76
C TYR C 161 -16.35 6.20 -23.10
N HIS C 162 -15.75 6.85 -22.15
CA HIS C 162 -15.31 8.22 -22.26
C HIS C 162 -13.88 8.42 -21.68
N PHE C 163 -13.02 9.11 -22.43
CA PHE C 163 -11.67 9.46 -22.00
C PHE C 163 -11.44 10.94 -21.92
N GLU C 164 -12.03 11.59 -20.93
CA GLU C 164 -12.03 13.05 -20.89
C GLU C 164 -10.64 13.64 -20.51
N GLY C 165 -9.76 12.75 -20.09
CA GLY C 165 -8.39 13.09 -19.77
C GLY C 165 -7.48 13.18 -20.98
N ILE C 166 -7.85 12.52 -22.09
CA ILE C 166 -7.18 12.61 -23.41
C ILE C 166 -7.63 13.84 -24.18
N ALA C 167 -6.69 14.72 -24.51
CA ALA C 167 -7.02 16.05 -24.99
C ALA C 167 -7.51 16.12 -26.45
N LYS C 168 -6.66 15.68 -27.37
CA LYS C 168 -6.94 15.78 -28.84
C LYS C 168 -7.24 14.37 -29.32
N LEU C 169 -8.53 13.98 -29.47
CA LEU C 169 -8.82 12.52 -29.54
C LEU C 169 -8.29 11.87 -30.77
N LYS C 170 -8.56 12.48 -31.91
CA LYS C 170 -8.14 11.91 -33.20
C LYS C 170 -6.61 11.95 -33.29
N VAL C 171 -5.96 12.98 -32.76
CA VAL C 171 -4.50 13.03 -32.83
C VAL C 171 -4.03 11.85 -31.96
N TYR C 172 -4.58 11.69 -30.76
CA TYR C 172 -4.16 10.62 -29.83
C TYR C 172 -4.21 9.28 -30.55
N LYS C 173 -5.30 9.06 -31.32
CA LYS C 173 -5.45 7.73 -31.93
C LYS C 173 -4.39 7.60 -33.04
N ASP C 174 -4.17 8.70 -33.76
CA ASP C 174 -3.13 8.68 -34.81
C ASP C 174 -1.78 8.33 -34.19
N GLU C 175 -1.46 8.96 -33.07
CA GLU C 175 -0.22 8.72 -32.37
C GLU C 175 -0.16 7.29 -31.82
N TYR C 176 -1.31 6.72 -31.40
CA TYR C 176 -1.37 5.30 -30.98
C TYR C 176 -0.92 4.43 -32.14
N ARG C 177 -1.41 4.72 -33.34
CA ARG C 177 -1.05 3.90 -34.50
C ARG C 177 0.42 4.09 -34.85
N GLU C 178 0.83 5.37 -34.86
CA GLU C 178 2.25 5.72 -35.03
C GLU C 178 3.09 4.87 -34.07
N LYS C 179 2.66 4.76 -32.80
CA LYS C 179 3.41 3.95 -31.80
C LYS C 179 3.47 2.44 -32.13
N LEU C 180 2.37 1.88 -32.67
CA LEU C 180 2.34 0.45 -33.11
C LEU C 180 3.31 0.24 -34.24
N ASN C 181 3.25 1.14 -35.25
CA ASN C 181 4.16 1.03 -36.37
C ASN C 181 5.59 1.21 -35.98
N ASN C 182 5.85 2.01 -34.96
CA ASN C 182 7.23 2.31 -34.57
C ASN C 182 7.78 1.38 -33.54
N LEU C 183 6.96 0.47 -33.07
CA LEU C 183 7.41 -0.55 -32.12
C LEU C 183 8.46 -1.45 -32.79
N GLU C 184 9.65 -1.55 -32.22
CA GLU C 184 10.69 -2.38 -32.85
C GLU C 184 10.36 -3.83 -32.47
N LEU C 185 9.95 -4.61 -33.47
CA LEU C 185 9.56 -6.00 -33.28
C LEU C 185 10.36 -6.85 -34.19
N SER C 186 10.82 -7.99 -33.73
CA SER C 186 11.40 -8.98 -34.60
C SER C 186 10.28 -9.64 -35.39
N ASP C 187 10.65 -10.41 -36.39
CA ASP C 187 9.69 -11.20 -37.16
C ASP C 187 8.79 -12.13 -36.25
N GLU C 188 9.40 -12.84 -35.29
CA GLU C 188 8.64 -13.77 -34.48
C GLU C 188 7.61 -12.97 -33.71
N GLN C 189 8.09 -11.85 -33.14
CA GLN C 189 7.36 -11.15 -32.10
C GLN C 189 6.14 -10.55 -32.82
N ARG C 190 6.37 -9.99 -34.00
CA ARG C 190 5.24 -9.49 -34.84
C ARG C 190 4.21 -10.62 -35.13
N GLU C 191 4.70 -11.83 -35.42
CA GLU C 191 3.81 -12.90 -35.87
C GLU C 191 3.01 -13.24 -34.67
N HIS C 192 3.60 -13.13 -33.48
CA HIS C 192 2.98 -13.66 -32.27
C HIS C 192 1.93 -12.68 -31.91
N LEU C 193 2.26 -11.40 -32.11
CA LEU C 193 1.35 -10.34 -31.80
C LEU C 193 0.12 -10.42 -32.68
N LEU C 194 0.31 -10.63 -33.99
CA LEU C 194 -0.85 -10.65 -34.89
C LEU C 194 -1.75 -11.86 -34.54
N LYS C 195 -1.15 -13.00 -34.29
CA LYS C 195 -1.99 -14.13 -33.94
C LYS C 195 -2.77 -13.87 -32.66
N GLU C 196 -2.14 -13.19 -31.69
CA GLU C 196 -2.82 -12.90 -30.42
C GLU C 196 -3.94 -11.91 -30.64
N ALA C 197 -3.83 -11.08 -31.68
CA ALA C 197 -4.86 -10.05 -31.87
C ALA C 197 -6.10 -10.71 -32.44
N THR C 198 -5.89 -11.65 -33.34
CA THR C 198 -6.96 -12.58 -33.68
C THR C 198 -7.56 -13.33 -32.48
N ASP C 199 -6.68 -13.80 -31.58
CA ASP C 199 -7.06 -14.50 -30.35
C ASP C 199 -7.88 -13.66 -29.42
N ALA C 200 -7.57 -12.37 -29.35
CA ALA C 200 -8.31 -11.48 -28.48
C ALA C 200 -9.71 -11.36 -28.94
N PHE C 201 -9.89 -11.30 -30.29
CA PHE C 201 -11.26 -11.12 -30.79
C PHE C 201 -12.07 -12.39 -30.53
N VAL C 202 -11.40 -13.55 -30.57
CA VAL C 202 -12.11 -14.78 -30.34
C VAL C 202 -12.60 -14.83 -28.94
N PHE C 203 -11.72 -14.51 -27.98
CA PHE C 203 -12.13 -14.30 -26.58
C PHE C 203 -13.33 -13.34 -26.48
N ASN C 204 -13.26 -12.22 -27.21
CA ASN C 204 -14.35 -11.26 -27.07
C ASN C 204 -15.68 -11.82 -27.60
N HIS C 205 -15.58 -12.57 -28.72
CA HIS C 205 -16.74 -13.25 -29.31
C HIS C 205 -17.41 -14.24 -28.34
N GLN C 206 -16.61 -14.98 -27.56
CA GLN C 206 -17.18 -15.94 -26.59
C GLN C 206 -17.75 -15.28 -25.36
N VAL C 207 -17.17 -14.12 -24.98
CA VAL C 207 -17.82 -13.30 -23.96
C VAL C 207 -19.19 -12.81 -24.48
N PHE C 208 -19.31 -12.42 -25.76
CA PHE C 208 -20.62 -11.89 -26.24
C PHE C 208 -21.62 -12.98 -26.54
N ALA C 209 -21.11 -14.16 -26.89
CA ALA C 209 -21.95 -15.34 -27.05
C ALA C 209 -22.54 -15.71 -25.68
N ASP C 210 -21.71 -15.66 -24.65
CA ASP C 210 -22.21 -15.95 -23.30
C ASP C 210 -23.27 -14.96 -22.89
N LEU C 211 -23.04 -13.67 -23.16
CA LEU C 211 -24.03 -12.64 -22.78
C LEU C 211 -25.32 -12.80 -23.59
N GLY C 212 -25.23 -13.53 -24.69
CA GLY C 212 -26.37 -13.75 -25.57
C GLY C 212 -27.41 -14.64 -24.92
I IOD D . 22.80 7.92 18.15
I IOD E . 23.37 10.82 16.33
I IOD F . 26.80 9.24 15.14
I IOD G . 23.59 26.93 29.75
S SO4 H . 12.10 -5.14 -2.71
O1 SO4 H . 12.25 -4.62 -4.07
O2 SO4 H . 13.38 -5.09 -1.99
O3 SO4 H . 11.66 -6.54 -2.79
O4 SO4 H . 11.09 -4.33 -2.04
S SO4 I . 21.27 -7.32 27.64
O1 SO4 I . 21.98 -6.34 28.50
O2 SO4 I . 21.56 -7.07 26.22
O3 SO4 I . 19.80 -7.21 27.83
O4 SO4 I . 21.62 -8.71 27.93
S SO4 J . 33.88 12.32 1.94
O1 SO4 J . 34.19 13.69 2.35
O2 SO4 J . 34.44 12.05 0.64
O3 SO4 J . 32.42 12.22 1.99
O4 SO4 J . 34.49 11.33 2.83
CHA HEM K . 28.45 11.67 7.62
CHB HEM K . 24.22 10.17 9.40
CHC HEM K . 24.29 13.71 12.68
CHD HEM K . 28.57 15.18 10.95
C1A HEM K . 27.24 11.04 7.82
C2A HEM K . 26.78 10.00 6.97
C3A HEM K . 25.61 9.60 7.45
C4A HEM K . 25.32 10.34 8.63
CMA HEM K . 24.71 8.51 6.89
CAA HEM K . 27.41 9.44 5.71
CBA HEM K . 27.14 10.38 4.53
CGA HEM K . 27.80 9.72 3.33
O1A HEM K . 28.99 9.94 3.10
O2A HEM K . 27.14 8.95 2.55
C1B HEM K . 23.92 10.93 10.51
C2B HEM K . 22.77 10.72 11.38
C3B HEM K . 22.82 11.71 12.26
C4B HEM K . 23.90 12.57 12.00
CMB HEM K . 21.84 9.54 11.19
CAB HEM K . 21.91 11.98 13.44
CBB HEM K . 20.84 12.64 13.02
C1C HEM K . 25.47 14.42 12.49
C2C HEM K . 25.92 15.56 13.26
C3C HEM K . 27.08 15.96 12.74
C4C HEM K . 27.43 15.10 11.66
CMC HEM K . 25.14 16.18 14.42
CAC HEM K . 27.93 17.12 13.27
CBC HEM K . 28.20 18.14 12.46
C1D HEM K . 28.89 14.32 9.92
C2D HEM K . 30.13 14.34 9.24
C3D HEM K . 30.10 13.26 8.19
C4D HEM K . 28.81 12.67 8.38
CMD HEM K . 31.29 15.27 9.40
CAD HEM K . 31.21 12.84 7.19
CBD HEM K . 31.00 13.22 5.73
CGD HEM K . 29.98 12.26 4.99
O1D HEM K . 30.10 11.00 5.06
O2D HEM K . 29.12 12.75 4.22
NA HEM K . 26.33 11.28 8.84
NB HEM K . 24.50 12.06 10.90
NC HEM K . 26.42 14.19 11.52
ND HEM K . 28.08 13.25 9.44
FE HEM K . 26.33 12.74 10.21
I IOD L . -9.40 -6.47 12.95
I IOD M . 0.84 -15.64 1.41
I IOD N . -6.91 -3.59 12.08
I IOD O . 3.54 -10.71 17.99
NA NA P . -25.45 -7.36 12.06
NA NA Q . -7.06 -25.52 9.27
S SO4 R . -18.06 -14.59 20.00
O1 SO4 R . -17.86 -13.42 20.87
O2 SO4 R . -18.19 -14.32 18.55
O3 SO4 R . -19.26 -15.26 20.46
O4 SO4 R . -16.91 -15.47 20.22
S SO4 S . 0.60 -2.19 -1.46
O1 SO4 S . 0.08 -0.85 -1.70
O2 SO4 S . 1.90 -2.29 -2.07
O3 SO4 S . -0.24 -3.21 -2.12
O4 SO4 S . 0.71 -2.39 -0.02
S SO4 T . -0.64 5.37 20.41
O1 SO4 T . -0.82 6.35 19.32
O2 SO4 T . 0.42 4.45 20.00
O3 SO4 T . -1.88 4.61 20.55
O4 SO4 T . -0.21 6.04 21.64
S SO4 U . 6.82 10.12 6.48
O1 SO4 U . 6.74 11.33 5.67
O2 SO4 U . 8.23 9.68 6.46
O3 SO4 U . 5.96 9.10 5.85
O4 SO4 U . 6.30 10.29 7.85
S SO4 V . -14.87 -19.47 -0.04
O1 SO4 V . -16.23 -18.93 -0.03
O2 SO4 V . -13.93 -18.37 -0.29
O3 SO4 V . -14.78 -20.50 -1.09
O4 SO4 V . -14.56 -20.07 1.25
CHA HEM W . -6.24 0.05 19.36
CHB HEM W . -10.23 -0.88 16.76
CHC HEM W . -9.17 -5.56 16.99
CHD HEM W . -4.95 -4.60 19.15
C1A HEM W . -7.46 0.22 18.68
C2A HEM W . -8.12 1.45 18.49
C3A HEM W . -9.22 1.18 17.76
C4A HEM W . -9.28 -0.24 17.53
CMA HEM W . -10.32 2.16 17.30
CAA HEM W . -7.64 2.86 18.96
CBA HEM W . -7.98 3.09 20.43
CGA HEM W . -7.72 4.56 20.65
O1A HEM W . -6.53 4.89 20.82
O2A HEM W . -8.67 5.37 20.63
C1B HEM W . -10.25 -2.21 16.53
C2B HEM W . -11.36 -2.91 15.93
C3B HEM W . -11.08 -4.20 16.02
C4B HEM W . -9.80 -4.35 16.69
CMB HEM W . -12.57 -2.28 15.25
CAB HEM W . -11.86 -5.38 15.48
CBB HEM W . -13.09 -5.57 15.92
C1C HEM W . -7.93 -5.68 17.51
C2C HEM W . -7.22 -6.92 17.62
C3C HEM W . -6.07 -6.65 18.19
C4C HEM W . -6.01 -5.27 18.54
CMC HEM W . -7.71 -8.29 17.09
CAC HEM W . -4.96 -7.62 18.50
CBC HEM W . -3.78 -7.13 18.85
C1D HEM W . -4.96 -3.24 19.36
C2D HEM W . -3.89 -2.59 20.00
C3D HEM W . -4.25 -1.14 20.09
C4D HEM W . -5.53 -1.06 19.44
CMD HEM W . -2.63 -3.31 20.49
CAD HEM W . -3.43 -0.02 20.74
CBD HEM W . -4.09 0.13 22.14
CGD HEM W . -3.49 1.19 23.04
O1D HEM W . -2.30 1.51 22.83
O2D HEM W . -4.18 1.73 23.95
NA HEM W . -8.14 -0.81 18.07
NB HEM W . -9.34 -3.14 17.01
NC HEM W . -7.17 -4.66 18.10
ND HEM W . -5.93 -2.32 19.08
FE HEM W . -7.69 -2.75 18.07
I IOD X . -26.67 -4.49 -6.10
S SO4 Y . -15.10 8.38 -14.08
O1 SO4 Y . -15.30 9.72 -13.53
O2 SO4 Y . -13.65 8.22 -14.08
O3 SO4 Y . -15.69 8.14 -15.39
O4 SO4 Y . -15.62 7.35 -13.18
S SO4 Z . -15.24 10.62 -25.40
O1 SO4 Z . -16.61 11.07 -25.57
O2 SO4 Z . -14.46 10.90 -26.63
O3 SO4 Z . -15.25 9.17 -25.35
O4 SO4 Z . -14.57 11.34 -24.28
S SO4 AA . -28.56 4.85 -14.49
O1 SO4 AA . -29.31 6.01 -15.00
O2 SO4 AA . -27.43 4.70 -15.36
O3 SO4 AA . -29.45 3.67 -14.59
O4 SO4 AA . -28.14 5.07 -13.07
S SO4 BA . -17.57 9.82 -6.58
O1 SO4 BA . -18.09 11.15 -6.88
O2 SO4 BA . -16.15 9.75 -6.96
O3 SO4 BA . -18.35 8.81 -7.31
O4 SO4 BA . -17.70 9.57 -5.13
CHA HEM CA . -12.67 0.59 -34.53
CHB HEM CA . -12.52 -3.13 -31.56
CHC HEM CA . -17.32 -3.26 -31.47
CHD HEM CA . -17.52 0.78 -34.03
C1A HEM CA . -12.23 -0.42 -33.77
C2A HEM CA . -10.85 -0.83 -33.68
C3A HEM CA . -10.82 -1.83 -32.80
C4A HEM CA . -12.17 -2.14 -32.42
CMA HEM CA . -9.59 -2.61 -32.33
CAA HEM CA . -9.65 -0.17 -34.34
CBA HEM CA . -9.50 -0.59 -35.81
CGA HEM CA . -8.28 0.18 -36.31
O1A HEM CA . -8.42 1.45 -36.60
O2A HEM CA . -7.10 -0.47 -36.51
C1B HEM CA . -13.81 -3.48 -31.24
C2B HEM CA . -14.17 -4.52 -30.33
C3B HEM CA . -15.49 -4.60 -30.29
C4B HEM CA . -16.01 -3.55 -31.16
CMB HEM CA . -13.16 -5.41 -29.50
CAB HEM CA . -16.17 -5.63 -29.36
CBB HEM CA . -17.39 -6.11 -29.49
C1C HEM CA . -17.78 -2.16 -32.11
C2C HEM CA . -19.19 -1.76 -32.18
C3C HEM CA . -19.27 -0.63 -32.89
C4C HEM CA . -17.92 -0.28 -33.27
CMC HEM CA . -20.35 -2.54 -31.55
CAC HEM CA . -20.51 0.20 -33.29
CBC HEM CA . -21.62 0.25 -32.55
C1D HEM CA . -16.21 1.06 -34.40
C2D HEM CA . -15.83 2.21 -35.21
C3D HEM CA . -14.33 2.17 -35.40
C4D HEM CA . -13.96 1.00 -34.61
CMD HEM CA . -16.81 3.26 -35.76
CAD HEM CA . -13.37 3.16 -36.12
CBD HEM CA . -13.45 3.22 -37.64
CGD HEM CA . -13.38 1.89 -38.37
O1D HEM CA . -12.74 0.91 -37.84
O2D HEM CA . -13.96 1.81 -39.53
NA HEM CA . -13.02 -1.25 -33.02
NB HEM CA . -14.94 -2.88 -31.76
NC HEM CA . -17.03 -1.23 -32.78
ND HEM CA . -15.08 0.37 -34.09
FE HEM CA . -14.99 -1.25 -32.88
#